data_6DTU
#
_entry.id   6DTU
#
_cell.length_a   34.645
_cell.length_b   55.465
_cell.length_c   93.542
_cell.angle_alpha   96.80
_cell.angle_beta   93.67
_cell.angle_gamma   101.95
#
_symmetry.space_group_name_H-M   'P 1'
#
loop_
_entity.id
_entity.type
_entity.pdbx_description
1 polymer 'maltose-binding protein MalE1'
2 branched alpha-D-glucopyranose-(1-4)-alpha-D-glucopyranose-(1-4)-alpha-D-glucopyranose-(1-4)-alpha-D-glucopyranose
3 water water
#
_entity_poly.entity_id   1
_entity_poly.type   'polypeptide(L)'
_entity_poly.pdbx_seq_one_letter_code
;MQPKLTIWCSEKQVDILQKLGEEFKAKYGVEVEVQYVNFQDIKSKFLTAAPEGQGADIIVGAHDWVGELAVNGLIEPIPN
FSDLKNFYETALNAFSYGGKLYGIPYAMEAIALIYNKDYVPEPPKTMDELIEIAKQIDEEFGGEVRGFITSAAEFYYIAP
FIFGYGGYVFKQTEKGLDVNDIGLANEGAIKGVKLLKRLVDEGILDPSDNYQIMDSMFREGQAAMIINGPWAIKAYKDAG
IDYGVAPIPDLEPGVPARPFVGVQGFMVNAKSPNKLLAIEFLTSFIAKKETMYRIYLGDPRLPSRKDVLELVKDNPDVVG
FTLSAANGIPMPNVPQMAAVWAAMNDALNLVVNGKATVEEALKNAVERIKAQIQS
;
_entity_poly.pdbx_strand_id   A,B
#
# COMPACT_ATOMS: atom_id res chain seq x y z
N MET A 1 -25.04 -11.81 -17.54
CA MET A 1 -24.12 -10.91 -18.22
C MET A 1 -23.42 -10.02 -17.19
N GLN A 2 -22.09 -10.01 -17.18
CA GLN A 2 -21.37 -9.25 -16.17
C GLN A 2 -21.54 -7.75 -16.42
N PRO A 3 -21.77 -6.97 -15.36
CA PRO A 3 -21.86 -5.51 -15.49
C PRO A 3 -20.47 -4.91 -15.49
N LYS A 4 -20.41 -3.62 -15.82
CA LYS A 4 -19.14 -2.91 -15.93
C LYS A 4 -19.25 -1.54 -15.29
N LEU A 5 -18.20 -1.14 -14.58
CA LEU A 5 -18.01 0.23 -14.12
C LEU A 5 -16.81 0.84 -14.80
N THR A 6 -17.03 2.00 -15.42
CA THR A 6 -15.97 2.77 -16.06
C THR A 6 -15.69 4.01 -15.24
N ILE A 7 -14.41 4.29 -15.00
CA ILE A 7 -13.95 5.42 -14.21
C ILE A 7 -13.09 6.29 -15.11
N TRP A 8 -13.32 7.60 -15.08
CA TRP A 8 -12.41 8.59 -15.68
C TRP A 8 -11.61 9.23 -14.57
N CYS A 9 -10.30 9.27 -14.73
CA CYS A 9 -9.45 9.92 -13.75
C CYS A 9 -8.21 10.43 -14.45
N SER A 10 -7.49 11.30 -13.76
CA SER A 10 -6.25 11.80 -14.31
C SER A 10 -5.18 10.72 -14.29
N GLU A 11 -4.00 11.05 -14.82
CA GLU A 11 -2.93 10.06 -14.85
C GLU A 11 -2.49 9.61 -13.45
N LYS A 12 -2.69 10.45 -12.44
CA LYS A 12 -2.13 10.17 -11.12
C LYS A 12 -2.79 8.96 -10.46
N GLN A 13 -4.07 8.74 -10.72
CA GLN A 13 -4.83 7.70 -10.03
C GLN A 13 -4.99 6.42 -10.84
N VAL A 14 -4.48 6.39 -12.08
CA VAL A 14 -4.79 5.25 -12.96
C VAL A 14 -4.27 3.94 -12.38
N ASP A 15 -3.01 3.91 -11.94
CA ASP A 15 -2.41 2.64 -11.54
C ASP A 15 -3.12 2.05 -10.34
N ILE A 16 -3.30 2.84 -9.29
CA ILE A 16 -3.91 2.30 -8.09
C ILE A 16 -5.36 1.89 -8.33
N LEU A 17 -6.11 2.71 -9.08
CA LEU A 17 -7.49 2.35 -9.37
C LEU A 17 -7.60 1.14 -10.28
N GLN A 18 -6.65 0.96 -11.19
CA GLN A 18 -6.64 -0.25 -12.02
C GLN A 18 -6.49 -1.48 -11.15
N LYS A 19 -5.57 -1.42 -10.18
CA LYS A 19 -5.33 -2.57 -9.33
C LYS A 19 -6.54 -2.86 -8.45
N LEU A 20 -7.13 -1.83 -7.85
CA LEU A 20 -8.33 -2.02 -7.05
C LEU A 20 -9.47 -2.56 -7.91
N GLY A 21 -9.59 -2.09 -9.14
CA GLY A 21 -10.65 -2.58 -10.01
C GLY A 21 -10.49 -4.05 -10.34
N GLU A 22 -9.24 -4.49 -10.55
CA GLU A 22 -8.98 -5.91 -10.76
C GLU A 22 -9.38 -6.72 -9.54
N GLU A 23 -9.12 -6.18 -8.34
CA GLU A 23 -9.49 -6.90 -7.12
C GLU A 23 -11.00 -6.99 -6.97
N PHE A 24 -11.72 -5.92 -7.27
CA PHE A 24 -13.16 -5.94 -7.21
C PHE A 24 -13.73 -6.94 -8.21
N LYS A 25 -13.15 -6.99 -9.40
CA LYS A 25 -13.59 -7.92 -10.43
C LYS A 25 -13.36 -9.37 -10.00
N ALA A 26 -12.19 -9.66 -9.42
CA ALA A 26 -11.93 -11.02 -8.96
C ALA A 26 -12.94 -11.44 -7.91
N LYS A 27 -13.33 -10.51 -7.02
CA LYS A 27 -14.23 -10.86 -5.93
C LYS A 27 -15.68 -10.96 -6.39
N TYR A 28 -16.13 -10.03 -7.24
CA TYR A 28 -17.54 -9.90 -7.52
C TYR A 28 -17.93 -10.17 -8.96
N GLY A 29 -16.97 -10.29 -9.87
CA GLY A 29 -17.29 -10.48 -11.28
C GLY A 29 -17.72 -9.23 -12.02
N VAL A 30 -17.55 -8.08 -11.41
CA VAL A 30 -17.92 -6.79 -11.99
C VAL A 30 -16.69 -6.29 -12.71
N GLU A 31 -16.81 -6.02 -14.00
CA GLU A 31 -15.68 -5.48 -14.74
C GLU A 31 -15.45 -4.04 -14.32
N VAL A 32 -14.19 -3.69 -14.09
CA VAL A 32 -13.85 -2.31 -13.77
C VAL A 32 -12.83 -1.80 -14.78
N GLU A 33 -13.12 -0.64 -15.34
CA GLU A 33 -12.30 -0.11 -16.42
C GLU A 33 -11.87 1.29 -16.03
N VAL A 34 -10.57 1.51 -15.95
CA VAL A 34 -10.03 2.79 -15.58
C VAL A 34 -9.49 3.49 -16.82
N GLN A 35 -10.09 4.62 -17.17
CA GLN A 35 -9.77 5.38 -18.38
C GLN A 35 -9.10 6.70 -17.99
N TYR A 36 -7.85 6.87 -18.40
CA TYR A 36 -7.16 8.15 -18.26
C TYR A 36 -7.87 9.22 -19.05
N VAL A 37 -8.10 10.37 -18.42
CA VAL A 37 -8.56 11.58 -19.09
C VAL A 37 -7.74 12.73 -18.53
N ASN A 38 -7.23 13.60 -19.40
CA ASN A 38 -6.53 14.78 -18.92
C ASN A 38 -7.39 15.54 -17.93
N PHE A 39 -6.79 15.94 -16.80
CA PHE A 39 -7.58 16.47 -15.69
C PHE A 39 -8.47 17.63 -16.12
N GLN A 40 -7.91 18.62 -16.82
CA GLN A 40 -8.67 19.78 -17.27
C GLN A 40 -9.73 19.44 -18.28
N ASP A 41 -9.76 18.21 -18.79
CA ASP A 41 -10.75 17.79 -19.74
C ASP A 41 -11.83 16.90 -19.14
N ILE A 42 -11.67 16.46 -17.88
CA ILE A 42 -12.66 15.53 -17.32
C ILE A 42 -14.04 16.16 -17.26
N LYS A 43 -14.13 17.36 -16.67
CA LYS A 43 -15.46 17.95 -16.47
C LYS A 43 -16.11 18.34 -17.79
N SER A 44 -15.34 18.92 -18.69
CA SER A 44 -15.89 19.33 -19.98
C SER A 44 -16.32 18.12 -20.81
N LYS A 45 -15.51 17.05 -20.80
CA LYS A 45 -15.92 15.82 -21.45
C LYS A 45 -17.18 15.24 -20.82
N PHE A 46 -17.29 15.33 -19.49
CA PHE A 46 -18.45 14.77 -18.80
C PHE A 46 -19.70 15.59 -19.09
N LEU A 47 -19.57 16.92 -19.13
CA LEU A 47 -20.72 17.75 -19.49
C LEU A 47 -21.23 17.40 -20.88
N THR A 48 -20.32 17.07 -21.79
CA THR A 48 -20.74 16.71 -23.14
C THR A 48 -21.28 15.28 -23.19
N ALA A 49 -20.57 14.33 -22.59
CA ALA A 49 -20.87 12.92 -22.79
C ALA A 49 -22.00 12.41 -21.88
N ALA A 50 -22.10 12.92 -20.66
CA ALA A 50 -23.10 12.36 -19.73
C ALA A 50 -24.52 12.44 -20.26
N PRO A 51 -25.01 13.58 -20.77
CA PRO A 51 -26.36 13.60 -21.35
C PRO A 51 -26.52 12.70 -22.58
N GLU A 52 -25.45 12.35 -23.25
CA GLU A 52 -25.52 11.48 -24.42
C GLU A 52 -25.46 10.01 -24.08
N GLY A 53 -25.42 9.66 -22.80
CA GLY A 53 -25.30 8.28 -22.39
C GLY A 53 -23.93 7.70 -22.55
N GLN A 54 -22.91 8.54 -22.76
CA GLN A 54 -21.53 8.13 -22.98
C GLN A 54 -20.57 8.57 -21.88
N GLY A 55 -21.09 9.07 -20.76
CA GLY A 55 -20.21 9.42 -19.66
C GLY A 55 -19.80 8.21 -18.82
N ALA A 56 -18.63 8.32 -18.20
CA ALA A 56 -18.18 7.28 -17.29
C ALA A 56 -19.18 7.12 -16.15
N ASP A 57 -19.19 5.92 -15.54
CA ASP A 57 -20.04 5.72 -14.37
C ASP A 57 -19.55 6.50 -13.17
N ILE A 58 -18.24 6.66 -13.05
CA ILE A 58 -17.61 7.35 -11.92
C ILE A 58 -16.54 8.28 -12.47
N ILE A 59 -16.49 9.51 -11.97
CA ILE A 59 -15.43 10.44 -12.33
C ILE A 59 -14.68 10.83 -11.07
N VAL A 60 -13.39 11.07 -11.22
CA VAL A 60 -12.53 11.46 -10.11
C VAL A 60 -12.06 12.88 -10.38
N GLY A 61 -12.22 13.77 -9.40
CA GLY A 61 -11.78 15.13 -9.64
C GLY A 61 -12.03 16.02 -8.45
N ALA A 62 -12.03 17.32 -8.71
CA ALA A 62 -11.99 18.31 -7.64
C ALA A 62 -13.37 18.79 -7.23
N HIS A 63 -13.47 19.25 -5.98
CA HIS A 63 -14.76 19.56 -5.42
C HIS A 63 -15.38 20.83 -5.99
N ASP A 64 -14.59 21.70 -6.63
CA ASP A 64 -15.20 22.89 -7.24
C ASP A 64 -16.19 22.52 -8.33
N TRP A 65 -16.11 21.30 -8.86
CA TRP A 65 -17.04 20.86 -9.89
C TRP A 65 -18.44 20.60 -9.35
N VAL A 66 -18.61 20.43 -8.04
CA VAL A 66 -19.82 19.78 -7.50
C VAL A 66 -21.07 20.59 -7.82
N GLY A 67 -21.06 21.90 -7.51
CA GLY A 67 -22.28 22.68 -7.70
C GLY A 67 -22.78 22.68 -9.14
N GLU A 68 -21.89 22.93 -10.09
CA GLU A 68 -22.30 22.90 -11.50
C GLU A 68 -22.88 21.53 -11.88
N LEU A 69 -22.18 20.45 -11.52
CA LEU A 69 -22.67 19.13 -11.92
C LEU A 69 -23.96 18.76 -11.21
N ALA A 70 -24.14 19.19 -9.95
CA ALA A 70 -25.34 18.82 -9.21
C ALA A 70 -26.56 19.57 -9.73
N VAL A 71 -26.43 20.88 -9.99
CA VAL A 71 -27.58 21.65 -10.44
C VAL A 71 -27.98 21.26 -11.86
N ASN A 72 -27.03 20.78 -12.66
CA ASN A 72 -27.33 20.27 -13.99
C ASN A 72 -27.86 18.85 -13.95
N GLY A 73 -27.98 18.24 -12.77
CA GLY A 73 -28.51 16.90 -12.64
C GLY A 73 -27.61 15.80 -13.16
N LEU A 74 -26.29 16.02 -13.17
CA LEU A 74 -25.39 15.06 -13.80
C LEU A 74 -24.65 14.14 -12.83
N ILE A 75 -24.54 14.48 -11.56
CA ILE A 75 -23.91 13.61 -10.57
C ILE A 75 -24.97 13.26 -9.53
N GLU A 76 -24.87 12.03 -8.99
CA GLU A 76 -25.89 11.40 -8.19
C GLU A 76 -25.65 11.65 -6.70
N PRO A 77 -26.68 11.98 -5.93
CA PRO A 77 -26.49 12.09 -4.47
C PRO A 77 -26.06 10.74 -3.89
N ILE A 78 -25.20 10.80 -2.89
N ILE A 78 -25.20 10.80 -2.89
CA ILE A 78 -24.68 9.61 -2.21
CA ILE A 78 -24.69 9.59 -2.23
C ILE A 78 -25.46 9.45 -0.91
C ILE A 78 -25.43 9.44 -0.91
N PRO A 79 -26.25 8.40 -0.74
CA PRO A 79 -26.96 8.22 0.51
C PRO A 79 -25.99 7.84 1.62
N ASN A 80 -26.45 8.00 2.85
CA ASN A 80 -25.60 7.71 3.98
C ASN A 80 -25.10 6.27 3.90
N PHE A 81 -23.89 6.06 4.40
CA PHE A 81 -23.28 4.74 4.39
C PHE A 81 -22.47 4.62 5.67
N SER A 82 -22.17 3.37 6.03
CA SER A 82 -21.58 3.10 7.34
C SER A 82 -20.24 3.79 7.54
N ASP A 83 -19.45 3.94 6.49
CA ASP A 83 -18.16 4.59 6.63
C ASP A 83 -18.21 6.10 6.60
N LEU A 84 -19.39 6.70 6.46
CA LEU A 84 -19.47 8.16 6.35
C LEU A 84 -18.85 8.87 7.56
N LYS A 85 -19.00 8.30 8.76
CA LYS A 85 -18.44 8.93 9.96
C LYS A 85 -16.91 9.00 9.91
N ASN A 86 -16.28 8.19 9.09
CA ASN A 86 -14.83 8.13 9.14
C ASN A 86 -14.14 9.20 8.32
N PHE A 87 -14.89 10.01 7.60
CA PHE A 87 -14.32 11.06 6.77
C PHE A 87 -14.49 12.41 7.47
N TYR A 88 -13.50 13.28 7.30
CA TYR A 88 -13.61 14.61 7.89
C TYR A 88 -14.81 15.34 7.30
N GLU A 89 -15.58 15.99 8.16
CA GLU A 89 -16.76 16.69 7.67
C GLU A 89 -16.41 17.82 6.72
N THR A 90 -15.27 18.49 6.91
CA THR A 90 -14.82 19.49 5.95
C THR A 90 -14.67 18.90 4.54
N ALA A 91 -14.16 17.69 4.45
CA ALA A 91 -14.00 17.07 3.14
C ALA A 91 -15.36 16.69 2.56
N LEU A 92 -16.24 16.13 3.39
CA LEU A 92 -17.56 15.75 2.91
C LEU A 92 -18.37 16.98 2.51
N ASN A 93 -18.27 18.06 3.29
CA ASN A 93 -19.00 19.28 2.97
C ASN A 93 -18.48 19.92 1.69
N ALA A 94 -17.18 19.77 1.39
CA ALA A 94 -16.66 20.27 0.12
C ALA A 94 -17.33 19.56 -1.05
N PHE A 95 -17.73 18.32 -0.84
CA PHE A 95 -18.43 17.54 -1.86
C PHE A 95 -19.93 17.54 -1.68
N SER A 96 -20.46 18.47 -0.91
CA SER A 96 -21.88 18.58 -0.66
C SER A 96 -22.44 19.86 -1.26
N TYR A 97 -23.70 19.80 -1.69
CA TYR A 97 -24.34 20.96 -2.29
C TYR A 97 -25.86 20.81 -2.14
N GLY A 98 -26.52 21.90 -1.76
CA GLY A 98 -27.97 21.89 -1.59
C GLY A 98 -28.49 20.85 -0.63
N GLY A 99 -27.71 20.54 0.42
CA GLY A 99 -28.11 19.61 1.45
C GLY A 99 -27.76 18.16 1.21
N LYS A 100 -27.16 17.81 0.07
CA LYS A 100 -26.88 16.42 -0.25
C LYS A 100 -25.39 16.23 -0.53
N LEU A 101 -24.91 15.03 -0.26
CA LEU A 101 -23.54 14.67 -0.55
C LEU A 101 -23.44 14.14 -1.98
N TYR A 102 -22.40 14.58 -2.70
CA TYR A 102 -22.23 14.25 -4.11
C TYR A 102 -20.89 13.58 -4.41
N GLY A 103 -20.10 13.25 -3.41
CA GLY A 103 -18.87 12.53 -3.71
C GLY A 103 -18.26 11.92 -2.47
N ILE A 104 -17.38 10.97 -2.71
CA ILE A 104 -16.56 10.40 -1.64
C ILE A 104 -15.17 11.02 -1.76
N PRO A 105 -14.76 11.88 -0.82
CA PRO A 105 -13.44 12.52 -0.90
C PRO A 105 -12.35 11.56 -0.46
N TYR A 106 -11.21 11.63 -1.15
CA TYR A 106 -10.07 10.84 -0.71
C TYR A 106 -8.91 11.67 -0.19
N ALA A 107 -8.84 12.96 -0.50
CA ALA A 107 -7.73 13.78 -0.05
C ALA A 107 -8.05 15.25 -0.23
N MET A 108 -7.39 16.08 0.56
CA MET A 108 -7.32 17.51 0.27
C MET A 108 -5.90 17.86 -0.15
N GLU A 109 -5.72 19.11 -0.59
CA GLU A 109 -4.46 19.49 -1.18
C GLU A 109 -4.38 21.00 -1.26
N ALA A 110 -3.15 21.51 -1.39
CA ALA A 110 -2.89 22.90 -1.74
C ALA A 110 -1.49 22.95 -2.33
N ILE A 111 -1.29 23.89 -3.25
CA ILE A 111 0.06 24.07 -3.79
C ILE A 111 0.98 24.67 -2.74
N ALA A 112 2.28 24.46 -2.92
CA ALA A 112 3.32 24.87 -1.98
C ALA A 112 4.61 25.06 -2.75
N LEU A 113 5.65 25.53 -2.05
CA LEU A 113 6.96 25.56 -2.67
C LEU A 113 7.56 24.18 -2.60
N ILE A 114 7.85 23.61 -3.77
CA ILE A 114 8.59 22.36 -3.87
C ILE A 114 9.97 22.72 -4.40
N TYR A 115 11.01 22.27 -3.71
CA TYR A 115 12.35 22.72 -4.06
C TYR A 115 13.32 21.55 -4.14
N ASN A 116 14.29 21.66 -5.05
CA ASN A 116 15.32 20.65 -5.24
C ASN A 116 16.50 20.96 -4.34
N LYS A 117 16.77 20.08 -3.38
CA LYS A 117 17.78 20.37 -2.36
C LYS A 117 19.19 20.37 -2.92
N ASP A 118 19.41 19.81 -4.12
CA ASP A 118 20.72 19.90 -4.72
C ASP A 118 21.06 21.35 -5.06
N TYR A 119 20.06 22.14 -5.42
CA TYR A 119 20.27 23.54 -5.78
C TYR A 119 19.92 24.49 -4.65
N VAL A 120 18.95 24.12 -3.82
CA VAL A 120 18.43 24.94 -2.73
C VAL A 120 18.39 24.08 -1.47
N PRO A 121 19.49 23.96 -0.75
CA PRO A 121 19.48 23.10 0.45
C PRO A 121 18.45 23.52 1.48
N GLU A 122 18.22 24.82 1.62
CA GLU A 122 17.25 25.35 2.57
C GLU A 122 16.33 26.34 1.85
N PRO A 123 15.02 26.23 2.04
CA PRO A 123 14.08 27.00 1.21
C PRO A 123 14.03 28.46 1.61
N PRO A 124 13.78 29.35 0.65
CA PRO A 124 13.64 30.77 0.97
C PRO A 124 12.43 31.01 1.86
N LYS A 125 12.56 32.03 2.71
CA LYS A 125 11.48 32.39 3.63
C LYS A 125 10.63 33.54 3.10
N THR A 126 11.17 34.35 2.19
CA THR A 126 10.42 35.44 1.59
C THR A 126 10.55 35.37 0.07
N MET A 127 9.61 36.03 -0.61
CA MET A 127 9.66 36.12 -2.06
C MET A 127 10.87 36.92 -2.52
N ASP A 128 11.28 37.92 -1.75
CA ASP A 128 12.50 38.65 -2.06
C ASP A 128 13.71 37.71 -2.04
N GLU A 129 13.77 36.81 -1.06
CA GLU A 129 14.84 35.82 -1.02
C GLU A 129 14.70 34.83 -2.15
N LEU A 130 13.47 34.40 -2.46
CA LEU A 130 13.27 33.47 -3.56
C LEU A 130 13.73 34.09 -4.88
N ILE A 131 13.43 35.38 -5.09
CA ILE A 131 13.84 36.05 -6.32
C ILE A 131 15.36 36.08 -6.46
N GLU A 132 16.06 36.40 -5.37
CA GLU A 132 17.53 36.45 -5.40
C GLU A 132 18.11 35.07 -5.69
N ILE A 133 17.60 34.05 -5.00
CA ILE A 133 18.11 32.69 -5.19
C ILE A 133 17.87 32.22 -6.62
N ALA A 134 16.69 32.50 -7.16
CA ALA A 134 16.38 32.09 -8.53
C ALA A 134 17.29 32.81 -9.53
N LYS A 135 17.51 34.11 -9.35
CA LYS A 135 18.42 34.83 -10.22
C LYS A 135 19.82 34.23 -10.16
N GLN A 136 20.29 33.91 -8.96
CA GLN A 136 21.61 33.31 -8.81
C GLN A 136 21.69 31.99 -9.56
N ILE A 137 20.67 31.14 -9.44
CA ILE A 137 20.65 29.86 -10.13
CA ILE A 137 20.69 29.86 -10.13
C ILE A 137 20.63 30.05 -11.65
N ASP A 138 19.81 30.99 -12.13
CA ASP A 138 19.72 31.23 -13.56
C ASP A 138 21.06 31.68 -14.13
N GLU A 139 21.82 32.44 -13.35
CA GLU A 139 23.13 32.93 -13.77
C GLU A 139 24.21 31.86 -13.67
N GLU A 140 24.26 31.16 -12.53
N GLU A 140 24.28 31.16 -12.53
CA GLU A 140 25.33 30.20 -12.27
CA GLU A 140 25.36 30.22 -12.33
C GLU A 140 25.22 28.97 -13.16
C GLU A 140 25.23 28.99 -13.22
N PHE A 141 24.01 28.56 -13.55
CA PHE A 141 23.83 27.40 -14.40
C PHE A 141 23.67 27.73 -15.88
N GLY A 142 23.92 28.98 -16.27
CA GLY A 142 23.98 29.33 -17.67
C GLY A 142 22.75 29.00 -18.48
N GLY A 143 21.59 28.88 -17.83
CA GLY A 143 20.36 28.59 -18.53
C GLY A 143 19.95 27.13 -18.54
N GLU A 144 20.81 26.22 -18.05
CA GLU A 144 20.49 24.80 -18.02
C GLU A 144 19.61 24.41 -16.84
N VAL A 145 19.51 25.25 -15.82
CA VAL A 145 18.64 25.01 -14.67
C VAL A 145 17.84 26.29 -14.45
N ARG A 146 16.52 26.15 -14.32
CA ARG A 146 15.68 27.30 -14.04
C ARG A 146 15.63 27.51 -12.54
N GLY A 147 15.83 28.76 -12.12
CA GLY A 147 15.75 29.07 -10.70
C GLY A 147 14.35 28.90 -10.12
N PHE A 148 13.32 29.30 -10.87
CA PHE A 148 11.95 29.24 -10.38
C PHE A 148 11.00 29.09 -11.55
N ILE A 149 10.02 28.20 -11.40
CA ILE A 149 8.95 28.03 -12.39
C ILE A 149 7.62 27.78 -11.69
N THR A 150 6.57 28.42 -12.20
CA THR A 150 5.21 27.93 -11.99
C THR A 150 4.42 28.21 -13.25
N SER A 151 3.15 27.84 -13.24
CA SER A 151 2.30 28.09 -14.41
C SER A 151 1.87 29.56 -14.37
N ALA A 152 2.64 30.41 -15.08
CA ALA A 152 2.58 31.85 -14.87
C ALA A 152 1.25 32.48 -15.25
N ALA A 153 0.53 31.89 -16.19
CA ALA A 153 -0.68 32.49 -16.73
C ALA A 153 -1.94 31.76 -16.29
N GLU A 154 -1.82 30.86 -15.32
CA GLU A 154 -2.91 30.00 -14.89
C GLU A 154 -3.36 30.47 -13.52
N PHE A 155 -4.61 30.94 -13.44
CA PHE A 155 -5.11 31.57 -12.21
C PHE A 155 -4.94 30.69 -10.98
N TYR A 156 -5.19 29.38 -11.12
CA TYR A 156 -5.08 28.50 -9.96
C TYR A 156 -3.71 28.62 -9.27
N TYR A 157 -2.64 28.78 -10.06
CA TYR A 157 -1.29 28.85 -9.51
C TYR A 157 -0.88 30.25 -9.06
N ILE A 158 -1.54 31.30 -9.56
CA ILE A 158 -1.26 32.67 -9.14
C ILE A 158 -2.18 33.08 -7.98
N ALA A 159 -3.26 32.33 -7.75
CA ALA A 159 -4.14 32.61 -6.63
C ALA A 159 -3.44 32.84 -5.29
N PRO A 160 -2.38 32.12 -4.90
CA PRO A 160 -1.78 32.41 -3.60
C PRO A 160 -1.34 33.86 -3.48
N PHE A 161 -0.90 34.49 -4.58
CA PHE A 161 -0.51 35.91 -4.52
C PHE A 161 -1.73 36.81 -4.45
N ILE A 162 -2.72 36.52 -5.28
CA ILE A 162 -3.96 37.30 -5.31
C ILE A 162 -4.64 37.29 -3.95
N PHE A 163 -4.82 36.10 -3.37
CA PHE A 163 -5.50 36.00 -2.08
C PHE A 163 -4.64 36.50 -0.94
N GLY A 164 -3.33 36.31 -1.02
CA GLY A 164 -2.47 36.78 0.06
C GLY A 164 -2.61 38.27 0.29
N TYR A 165 -2.78 39.04 -0.77
CA TYR A 165 -2.90 40.48 -0.62
C TYR A 165 -4.33 40.96 -0.40
N GLY A 166 -5.32 40.05 -0.39
CA GLY A 166 -6.68 40.45 -0.10
C GLY A 166 -7.67 40.34 -1.24
N GLY A 167 -7.25 39.81 -2.39
CA GLY A 167 -8.22 39.47 -3.41
C GLY A 167 -9.10 38.32 -2.96
N TYR A 168 -10.23 38.15 -3.63
CA TYR A 168 -11.13 37.03 -3.34
C TYR A 168 -11.96 36.73 -4.57
N VAL A 169 -12.48 35.50 -4.64
CA VAL A 169 -13.35 35.14 -5.76
C VAL A 169 -14.73 35.74 -5.53
N PHE A 170 -15.50 35.12 -4.62
CA PHE A 170 -16.81 35.60 -4.21
C PHE A 170 -16.71 35.97 -2.73
N LYS A 171 -17.30 37.10 -2.37
CA LYS A 171 -17.17 37.59 -1.00
C LYS A 171 -17.77 36.58 -0.03
N GLN A 172 -16.98 36.21 0.97
CA GLN A 172 -17.46 35.34 2.03
C GLN A 172 -18.26 36.20 3.00
N THR A 173 -19.55 35.90 3.14
CA THR A 173 -20.43 36.58 4.07
C THR A 173 -20.99 35.59 5.07
N GLU A 174 -21.68 36.09 6.09
CA GLU A 174 -22.28 35.22 7.10
C GLU A 174 -23.44 34.40 6.54
N LYS A 175 -23.99 34.77 5.39
CA LYS A 175 -25.02 34.00 4.73
C LYS A 175 -24.49 33.19 3.56
N GLY A 176 -23.18 33.06 3.43
CA GLY A 176 -22.57 32.29 2.36
C GLY A 176 -21.79 33.18 1.41
N LEU A 177 -21.41 32.59 0.28
CA LEU A 177 -20.66 33.30 -0.75
C LEU A 177 -21.58 34.23 -1.53
N ASP A 178 -21.15 35.47 -1.74
CA ASP A 178 -21.92 36.45 -2.52
C ASP A 178 -21.35 36.42 -3.94
N VAL A 179 -22.02 35.72 -4.84
CA VAL A 179 -21.54 35.62 -6.21
C VAL A 179 -21.65 36.93 -6.97
N ASN A 180 -22.38 37.90 -6.41
CA ASN A 180 -22.47 39.22 -7.03
CA ASN A 180 -22.51 39.24 -6.98
C ASN A 180 -21.39 40.17 -6.54
N ASP A 181 -20.53 39.72 -5.63
CA ASP A 181 -19.45 40.53 -5.09
C ASP A 181 -18.16 39.80 -5.41
N ILE A 182 -17.52 40.20 -6.50
CA ILE A 182 -16.31 39.54 -7.01
C ILE A 182 -15.10 40.40 -6.64
N GLY A 183 -14.06 39.76 -6.11
CA GLY A 183 -12.91 40.53 -5.65
C GLY A 183 -11.61 40.27 -6.39
N LEU A 184 -11.72 39.84 -7.64
CA LEU A 184 -10.55 39.50 -8.42
C LEU A 184 -9.95 40.68 -9.15
N ALA A 185 -10.48 41.89 -8.94
CA ALA A 185 -9.87 43.11 -9.44
C ALA A 185 -9.83 44.19 -8.37
N ASN A 186 -9.92 43.81 -7.09
CA ASN A 186 -9.74 44.78 -6.03
C ASN A 186 -8.26 45.11 -5.88
N GLU A 187 -7.92 46.02 -4.96
CA GLU A 187 -6.54 46.45 -4.89
C GLU A 187 -5.61 45.33 -4.44
N GLY A 188 -6.10 44.38 -3.65
CA GLY A 188 -5.28 43.25 -3.29
C GLY A 188 -5.00 42.34 -4.47
N ALA A 189 -6.02 42.07 -5.29
CA ALA A 189 -5.79 41.26 -6.47
C ALA A 189 -4.77 41.93 -7.38
N ILE A 190 -4.88 43.25 -7.51
CA ILE A 190 -3.96 44.00 -8.37
C ILE A 190 -2.55 43.90 -7.85
N LYS A 191 -2.37 44.03 -6.53
CA LYS A 191 -1.04 43.93 -5.95
C LYS A 191 -0.45 42.53 -6.14
N GLY A 192 -1.31 41.51 -6.02
CA GLY A 192 -0.84 40.14 -6.22
C GLY A 192 -0.44 39.86 -7.66
N VAL A 193 -1.23 40.35 -8.62
CA VAL A 193 -0.85 40.14 -10.02
C VAL A 193 0.32 41.03 -10.40
N LYS A 194 0.49 42.16 -9.70
CA LYS A 194 1.69 42.96 -9.92
C LYS A 194 2.93 42.24 -9.44
N LEU A 195 2.81 41.39 -8.41
CA LEU A 195 3.93 40.53 -8.03
C LEU A 195 4.24 39.52 -9.15
N LEU A 196 3.20 38.90 -9.74
CA LEU A 196 3.44 38.04 -10.89
C LEU A 196 4.16 38.79 -12.00
N LYS A 197 3.72 40.02 -12.28
CA LYS A 197 4.37 40.78 -13.34
C LYS A 197 5.82 41.11 -13.00
N ARG A 198 6.10 41.37 -11.72
CA ARG A 198 7.47 41.59 -11.29
C ARG A 198 8.33 40.36 -11.58
N LEU A 199 7.82 39.18 -11.28
CA LEU A 199 8.57 37.95 -11.56
C LEU A 199 8.90 37.81 -13.04
N VAL A 200 7.95 38.16 -13.91
CA VAL A 200 8.20 38.11 -15.35
C VAL A 200 9.18 39.19 -15.75
N ASP A 201 8.96 40.42 -15.26
CA ASP A 201 9.79 41.55 -15.65
C ASP A 201 11.22 41.36 -15.20
N GLU A 202 11.42 40.77 -14.02
CA GLU A 202 12.77 40.53 -13.56
C GLU A 202 13.39 39.25 -14.13
N GLY A 203 12.69 38.55 -15.02
CA GLY A 203 13.23 37.39 -15.71
C GLY A 203 13.20 36.09 -14.94
N ILE A 204 12.51 36.06 -13.80
CA ILE A 204 12.39 34.85 -12.98
CA ILE A 204 12.47 34.80 -13.05
C ILE A 204 11.41 33.87 -13.63
N LEU A 205 10.36 34.40 -14.25
CA LEU A 205 9.39 33.63 -14.99
C LEU A 205 9.42 34.06 -16.44
N ASP A 206 9.15 33.12 -17.30
CA ASP A 206 9.08 33.39 -18.71
C ASP A 206 7.63 33.38 -19.16
N PRO A 207 7.26 34.25 -20.09
CA PRO A 207 5.86 34.35 -20.53
C PRO A 207 5.25 33.02 -20.99
N SER A 208 6.08 32.08 -21.43
CA SER A 208 5.58 30.80 -21.90
C SER A 208 5.44 29.75 -20.80
N ASP A 209 5.83 30.06 -19.57
CA ASP A 209 5.82 29.06 -18.50
C ASP A 209 4.40 28.52 -18.29
N ASN A 210 4.28 27.19 -18.25
CA ASN A 210 2.99 26.55 -18.02
C ASN A 210 3.20 25.34 -17.11
N TYR A 211 2.13 24.57 -16.91
CA TYR A 211 2.22 23.44 -16.00
C TYR A 211 3.25 22.41 -16.50
N GLN A 212 3.15 22.03 -17.77
CA GLN A 212 4.03 20.99 -18.30
C GLN A 212 5.50 21.37 -18.19
N ILE A 213 5.84 22.63 -18.51
CA ILE A 213 7.23 23.07 -18.38
C ILE A 213 7.67 22.99 -16.92
N MET A 214 6.84 23.49 -16.00
CA MET A 214 7.20 23.44 -14.58
C MET A 214 7.43 22.01 -14.12
N ASP A 215 6.46 21.15 -14.40
CA ASP A 215 6.47 19.78 -13.90
C ASP A 215 7.63 18.99 -14.49
N SER A 216 7.80 19.06 -15.81
CA SER A 216 8.84 18.29 -16.48
C SER A 216 10.24 18.77 -16.12
N MET A 217 10.48 20.09 -16.12
N MET A 217 10.47 20.09 -16.12
CA MET A 217 11.81 20.55 -15.74
CA MET A 217 11.79 20.59 -15.74
C MET A 217 12.15 20.16 -14.30
C MET A 217 12.14 20.18 -14.31
N PHE A 218 11.17 20.26 -13.38
CA PHE A 218 11.49 19.87 -12.02
C PHE A 218 11.75 18.38 -11.91
N ARG A 219 10.94 17.56 -12.56
CA ARG A 219 11.12 16.13 -12.48
C ARG A 219 12.46 15.72 -13.08
N GLU A 220 12.92 16.42 -14.10
CA GLU A 220 14.16 16.08 -14.79
C GLU A 220 15.39 16.73 -14.19
N GLY A 221 15.27 17.35 -13.03
CA GLY A 221 16.41 17.92 -12.34
C GLY A 221 16.88 19.25 -12.89
N GLN A 222 16.03 19.95 -13.63
CA GLN A 222 16.39 21.19 -14.30
C GLN A 222 15.71 22.41 -13.69
N ALA A 223 15.13 22.30 -12.50
CA ALA A 223 14.48 23.42 -11.86
C ALA A 223 14.70 23.38 -10.35
N ALA A 224 15.12 24.51 -9.79
CA ALA A 224 15.46 24.54 -8.38
C ALA A 224 14.22 24.66 -7.50
N MET A 225 13.25 25.47 -7.90
CA MET A 225 12.07 25.75 -7.09
C MET A 225 10.85 25.89 -7.98
N ILE A 226 9.73 25.32 -7.52
CA ILE A 226 8.45 25.47 -8.20
C ILE A 226 7.35 25.70 -7.18
N ILE A 227 6.21 26.16 -7.68
CA ILE A 227 4.97 26.18 -6.89
C ILE A 227 4.00 25.19 -7.52
N ASN A 228 3.77 24.09 -6.82
CA ASN A 228 2.97 22.98 -7.34
C ASN A 228 2.42 22.20 -6.16
N GLY A 229 1.56 21.23 -6.46
CA GLY A 229 0.83 20.51 -5.45
C GLY A 229 1.32 19.10 -5.20
N PRO A 230 0.69 18.43 -4.23
CA PRO A 230 1.19 17.11 -3.80
C PRO A 230 0.97 16.01 -4.82
N TRP A 231 0.07 16.23 -5.78
CA TRP A 231 -0.09 15.30 -6.89
C TRP A 231 1.18 15.14 -7.71
N ALA A 232 2.15 16.04 -7.59
CA ALA A 232 3.34 16.00 -8.43
C ALA A 232 4.50 15.26 -7.80
N ILE A 233 4.43 14.93 -6.51
CA ILE A 233 5.58 14.53 -5.72
C ILE A 233 6.03 13.11 -6.03
N LYS A 234 5.10 12.17 -6.20
CA LYS A 234 5.51 10.80 -6.44
C LYS A 234 6.37 10.69 -7.69
N ALA A 235 6.00 11.40 -8.74
CA ALA A 235 6.81 11.36 -9.96
C ALA A 235 8.20 11.94 -9.72
N TYR A 236 8.29 12.99 -8.89
CA TYR A 236 9.61 13.55 -8.61
C TYR A 236 10.45 12.58 -7.80
N LYS A 237 9.84 11.90 -6.85
CA LYS A 237 10.56 10.95 -6.02
C LYS A 237 11.04 9.77 -6.86
N ASP A 238 10.19 9.24 -7.73
CA ASP A 238 10.60 8.12 -8.57
C ASP A 238 11.70 8.51 -9.54
N ALA A 239 11.75 9.79 -9.93
CA ALA A 239 12.80 10.30 -10.80
C ALA A 239 14.11 10.58 -10.06
N GLY A 240 14.12 10.39 -8.75
CA GLY A 240 15.34 10.56 -7.97
C GLY A 240 15.62 11.96 -7.50
N ILE A 241 14.64 12.86 -7.50
CA ILE A 241 14.85 14.23 -7.04
C ILE A 241 14.84 14.25 -5.52
N ASP A 242 15.86 14.88 -4.93
CA ASP A 242 15.92 15.12 -3.49
C ASP A 242 15.20 16.44 -3.22
N TYR A 243 13.88 16.35 -3.11
CA TYR A 243 13.03 17.53 -2.98
C TYR A 243 12.59 17.74 -1.54
N GLY A 244 12.23 19.00 -1.25
CA GLY A 244 11.52 19.34 -0.03
C GLY A 244 10.22 20.08 -0.37
N VAL A 245 9.36 20.18 0.65
CA VAL A 245 8.10 20.92 0.55
C VAL A 245 8.05 21.95 1.66
N ALA A 246 7.71 23.19 1.32
CA ALA A 246 7.62 24.28 2.27
C ALA A 246 6.48 25.19 1.86
N PRO A 247 5.93 25.96 2.78
CA PRO A 247 4.96 26.99 2.35
C PRO A 247 5.57 27.95 1.34
N ILE A 248 4.71 28.48 0.49
CA ILE A 248 5.17 29.50 -0.45
C ILE A 248 5.76 30.65 0.36
N PRO A 249 6.90 31.21 -0.03
CA PRO A 249 7.49 32.29 0.77
C PRO A 249 6.51 33.44 0.91
N ASP A 250 6.56 34.10 2.07
CA ASP A 250 5.69 35.24 2.33
C ASP A 250 5.88 36.29 1.24
N LEU A 251 4.76 36.88 0.80
CA LEU A 251 4.82 37.84 -0.30
C LEU A 251 5.59 39.08 0.10
N GLU A 252 5.42 39.49 1.35
CA GLU A 252 6.19 40.56 1.97
C GLU A 252 6.05 40.39 3.47
N PRO A 253 6.82 41.14 4.28
CA PRO A 253 6.72 40.95 5.73
C PRO A 253 5.27 41.06 6.23
N GLY A 254 4.80 40.01 6.92
CA GLY A 254 3.45 39.98 7.46
C GLY A 254 2.34 39.66 6.49
N VAL A 255 2.68 39.21 5.27
CA VAL A 255 1.67 38.88 4.28
C VAL A 255 1.95 37.49 3.73
N PRO A 256 1.37 36.44 4.28
CA PRO A 256 1.62 35.10 3.72
C PRO A 256 0.84 34.88 2.43
N ALA A 257 1.39 33.99 1.61
CA ALA A 257 0.65 33.50 0.46
C ALA A 257 -0.52 32.67 0.95
N ARG A 258 -1.63 32.69 0.20
CA ARG A 258 -2.84 31.96 0.60
CA ARG A 258 -2.83 31.96 0.60
C ARG A 258 -3.36 31.17 -0.59
N PRO A 259 -2.91 29.92 -0.76
CA PRO A 259 -3.34 29.11 -1.92
C PRO A 259 -4.77 28.63 -1.81
N PHE A 260 -5.33 28.26 -2.97
CA PHE A 260 -6.56 27.49 -2.97
C PHE A 260 -6.38 26.19 -2.19
N VAL A 261 -7.43 25.80 -1.48
CA VAL A 261 -7.52 24.45 -0.92
C VAL A 261 -8.53 23.65 -1.73
N GLY A 262 -8.12 22.47 -2.20
CA GLY A 262 -8.98 21.63 -3.01
C GLY A 262 -9.20 20.28 -2.33
N VAL A 263 -10.34 19.67 -2.60
CA VAL A 263 -10.62 18.31 -2.14
C VAL A 263 -10.87 17.46 -3.37
N GLN A 264 -10.22 16.29 -3.44
CA GLN A 264 -10.34 15.36 -4.56
C GLN A 264 -11.22 14.20 -4.10
N GLY A 265 -12.08 13.72 -5.01
CA GLY A 265 -13.04 12.70 -4.65
C GLY A 265 -13.67 12.02 -5.85
N PHE A 266 -14.51 11.05 -5.53
CA PHE A 266 -15.17 10.20 -6.50
C PHE A 266 -16.63 10.61 -6.60
N MET A 267 -17.09 10.88 -7.83
CA MET A 267 -18.46 11.30 -8.10
C MET A 267 -19.11 10.28 -9.03
N VAL A 268 -20.42 10.09 -8.89
CA VAL A 268 -21.18 9.07 -9.63
C VAL A 268 -22.04 9.77 -10.68
N ASN A 269 -22.04 9.23 -11.90
CA ASN A 269 -22.84 9.76 -13.00
C ASN A 269 -24.32 9.46 -12.74
N ALA A 270 -25.13 10.52 -12.58
CA ALA A 270 -26.55 10.34 -12.35
C ALA A 270 -27.29 9.78 -13.56
N LYS A 271 -26.67 9.84 -14.74
CA LYS A 271 -27.31 9.30 -15.94
C LYS A 271 -26.91 7.85 -16.18
N SER A 272 -26.03 7.30 -15.37
CA SER A 272 -25.52 5.96 -15.64
C SER A 272 -26.52 4.92 -15.15
N PRO A 273 -26.85 3.92 -15.96
CA PRO A 273 -27.71 2.83 -15.46
C PRO A 273 -27.02 1.97 -14.42
N ASN A 274 -25.71 2.16 -14.21
CA ASN A 274 -24.95 1.40 -13.23
C ASN A 274 -24.75 2.19 -11.94
N LYS A 275 -25.53 3.25 -11.73
CA LYS A 275 -25.20 4.16 -10.63
C LYS A 275 -25.33 3.51 -9.26
N LEU A 276 -26.28 2.59 -9.09
CA LEU A 276 -26.39 1.91 -7.81
C LEU A 276 -25.14 1.06 -7.54
N LEU A 277 -24.66 0.37 -8.56
CA LEU A 277 -23.45 -0.44 -8.38
C LEU A 277 -22.22 0.44 -8.17
N ALA A 278 -22.17 1.61 -8.85
CA ALA A 278 -21.07 2.54 -8.67
C ALA A 278 -21.02 3.05 -7.24
N ILE A 279 -22.18 3.41 -6.69
CA ILE A 279 -22.21 3.84 -5.29
C ILE A 279 -21.73 2.72 -4.38
N GLU A 280 -22.16 1.47 -4.63
CA GLU A 280 -21.73 0.34 -3.82
C GLU A 280 -20.22 0.17 -3.85
N PHE A 281 -19.64 0.22 -5.04
CA PHE A 281 -18.19 0.17 -5.21
C PHE A 281 -17.49 1.26 -4.38
N LEU A 282 -18.03 2.48 -4.40
CA LEU A 282 -17.38 3.57 -3.68
C LEU A 282 -17.51 3.40 -2.17
N THR A 283 -18.72 3.08 -1.68
CA THR A 283 -18.94 3.06 -0.24
C THR A 283 -18.41 1.79 0.43
N SER A 284 -18.53 0.64 -0.24
CA SER A 284 -18.22 -0.63 0.41
C SER A 284 -16.75 -1.03 0.24
N PHE A 285 -16.04 -0.39 -0.68
CA PHE A 285 -14.69 -0.81 -1.05
C PHE A 285 -13.75 0.39 -1.06
N ILE A 286 -14.03 1.38 -1.90
CA ILE A 286 -13.11 2.52 -2.03
C ILE A 286 -13.02 3.28 -0.71
N ALA A 287 -14.12 3.39 0.02
CA ALA A 287 -14.12 4.20 1.22
C ALA A 287 -13.42 3.55 2.41
N LYS A 288 -13.01 2.29 2.30
CA LYS A 288 -12.48 1.61 3.48
C LYS A 288 -11.09 2.12 3.83
N LYS A 289 -10.71 1.91 5.09
CA LYS A 289 -9.43 2.41 5.59
C LYS A 289 -8.26 1.93 4.74
N GLU A 290 -8.13 0.62 4.57
CA GLU A 290 -7.01 0.10 3.80
C GLU A 290 -7.01 0.66 2.39
N THR A 291 -8.18 0.72 1.76
N THR A 291 -8.17 0.70 1.73
CA THR A 291 -8.21 1.17 0.37
CA THR A 291 -8.20 1.16 0.35
C THR A 291 -7.83 2.63 0.26
C THR A 291 -7.81 2.63 0.26
N MET A 292 -8.29 3.45 1.21
CA MET A 292 -7.94 4.87 1.19
C MET A 292 -6.45 5.07 1.43
N TYR A 293 -5.85 4.21 2.26
CA TYR A 293 -4.41 4.31 2.49
C TYR A 293 -3.63 3.87 1.26
N ARG A 294 -4.10 2.81 0.59
CA ARG A 294 -3.48 2.38 -0.67
C ARG A 294 -3.58 3.46 -1.73
N ILE A 295 -4.71 4.18 -1.79
CA ILE A 295 -4.83 5.33 -2.69
C ILE A 295 -3.80 6.39 -2.35
N TYR A 296 -3.66 6.73 -1.06
CA TYR A 296 -2.61 7.66 -0.65
C TYR A 296 -1.24 7.17 -1.11
N LEU A 297 -0.94 5.90 -0.87
CA LEU A 297 0.38 5.40 -1.25
C LEU A 297 0.62 5.50 -2.75
N GLY A 298 -0.44 5.33 -3.55
CA GLY A 298 -0.35 5.48 -4.98
C GLY A 298 -0.43 6.91 -5.49
N ASP A 299 -1.02 7.80 -4.69
CA ASP A 299 -1.28 9.18 -5.12
C ASP A 299 -1.24 10.04 -3.86
N PRO A 300 -0.07 10.36 -3.35
CA PRO A 300 0.03 10.93 -1.99
C PRO A 300 -0.31 12.41 -1.90
N ARG A 301 -1.46 12.70 -1.30
CA ARG A 301 -1.88 14.06 -0.98
C ARG A 301 -2.15 14.16 0.53
N LEU A 302 -3.26 14.78 0.96
CA LEU A 302 -3.57 14.89 2.40
C LEU A 302 -4.85 14.11 2.67
N PRO A 303 -4.78 12.87 3.19
CA PRO A 303 -5.98 12.00 3.22
C PRO A 303 -7.17 12.60 3.95
N SER A 304 -8.36 12.42 3.36
CA SER A 304 -9.61 12.90 3.94
C SER A 304 -10.26 11.94 4.92
N ARG A 305 -9.86 10.67 4.91
CA ARG A 305 -10.38 9.74 5.88
C ARG A 305 -9.49 9.90 7.12
N LYS A 306 -10.12 10.16 8.27
CA LYS A 306 -9.37 10.62 9.45
C LYS A 306 -8.32 9.59 9.89
N ASP A 307 -8.69 8.32 9.93
CA ASP A 307 -7.75 7.30 10.39
C ASP A 307 -6.62 7.03 9.40
N VAL A 308 -6.76 7.43 8.15
CA VAL A 308 -5.68 7.36 7.19
C VAL A 308 -4.75 8.56 7.33
N LEU A 309 -5.32 9.76 7.55
CA LEU A 309 -4.47 10.92 7.82
C LEU A 309 -3.58 10.65 9.02
N GLU A 310 -4.13 9.99 10.05
CA GLU A 310 -3.33 9.65 11.22
C GLU A 310 -2.13 8.79 10.87
N LEU A 311 -2.24 7.93 9.84
CA LEU A 311 -1.12 7.08 9.45
C LEU A 311 0.01 7.87 8.82
N VAL A 312 -0.31 9.00 8.17
CA VAL A 312 0.66 9.72 7.35
C VAL A 312 1.05 11.08 7.91
N LYS A 313 0.53 11.46 9.08
CA LYS A 313 0.64 12.83 9.57
C LYS A 313 2.10 13.27 9.80
N ASP A 314 3.00 12.32 10.04
CA ASP A 314 4.41 12.66 10.29
C ASP A 314 5.27 12.65 9.05
N ASN A 315 4.74 12.30 7.88
CA ASN A 315 5.53 12.39 6.66
C ASN A 315 5.92 13.84 6.38
N PRO A 316 7.20 14.14 6.16
CA PRO A 316 7.59 15.55 5.93
C PRO A 316 6.85 16.22 4.78
N ASP A 317 6.43 15.47 3.75
CA ASP A 317 5.66 16.07 2.66
C ASP A 317 4.25 16.41 3.11
N VAL A 318 3.62 15.50 3.88
CA VAL A 318 2.32 15.79 4.48
C VAL A 318 2.42 17.02 5.38
N VAL A 319 3.48 17.08 6.18
CA VAL A 319 3.66 18.25 7.06
C VAL A 319 3.80 19.52 6.24
N GLY A 320 4.58 19.49 5.16
CA GLY A 320 4.79 20.69 4.35
C GLY A 320 3.53 21.17 3.67
N PHE A 321 2.78 20.27 3.03
CA PHE A 321 1.57 20.69 2.36
C PHE A 321 0.50 21.14 3.36
N THR A 322 0.45 20.52 4.54
CA THR A 322 -0.48 20.94 5.57
C THR A 322 -0.17 22.37 6.03
N LEU A 323 1.10 22.69 6.23
CA LEU A 323 1.47 24.06 6.58
CA LEU A 323 1.49 24.06 6.56
C LEU A 323 1.03 25.04 5.50
N SER A 324 1.15 24.66 4.22
CA SER A 324 0.73 25.56 3.15
C SER A 324 -0.78 25.71 3.14
N ALA A 325 -1.50 24.58 3.29
CA ALA A 325 -2.96 24.60 3.28
C ALA A 325 -3.53 25.35 4.48
N ALA A 326 -2.77 25.46 5.57
CA ALA A 326 -3.28 26.13 6.76
C ALA A 326 -3.59 27.60 6.49
N ASN A 327 -2.86 28.24 5.58
CA ASN A 327 -3.12 29.63 5.20
C ASN A 327 -4.06 29.76 4.02
N GLY A 328 -4.67 28.67 3.57
CA GLY A 328 -5.35 28.64 2.28
C GLY A 328 -6.84 28.96 2.35
N ILE A 329 -7.45 29.03 1.16
CA ILE A 329 -8.85 29.36 1.00
C ILE A 329 -9.50 28.25 0.18
N PRO A 330 -10.52 27.57 0.68
CA PRO A 330 -11.14 26.49 -0.13
C PRO A 330 -11.75 27.06 -1.41
N MET A 331 -11.53 26.36 -2.51
CA MET A 331 -12.19 26.74 -3.75
C MET A 331 -13.70 26.72 -3.52
N PRO A 332 -14.44 27.68 -4.06
CA PRO A 332 -15.90 27.55 -4.04
C PRO A 332 -16.35 26.34 -4.84
N ASN A 333 -17.49 25.79 -4.45
CA ASN A 333 -18.08 24.73 -5.25
C ASN A 333 -19.39 25.16 -5.89
N VAL A 334 -19.73 26.44 -5.80
CA VAL A 334 -21.00 26.94 -6.34
C VAL A 334 -20.98 26.84 -7.86
N PRO A 335 -22.13 26.73 -8.54
CA PRO A 335 -22.11 26.61 -10.00
C PRO A 335 -21.40 27.75 -10.68
N GLN A 336 -21.40 28.93 -10.07
CA GLN A 336 -20.81 30.13 -10.63
C GLN A 336 -19.30 30.09 -10.72
N MET A 337 -18.63 29.11 -10.10
CA MET A 337 -17.19 29.03 -10.24
C MET A 337 -16.80 28.69 -11.67
N ALA A 338 -17.67 28.04 -12.43
CA ALA A 338 -17.35 27.68 -13.80
C ALA A 338 -17.04 28.93 -14.64
N ALA A 339 -17.65 30.05 -14.29
CA ALA A 339 -17.42 31.30 -15.01
C ALA A 339 -16.10 31.96 -14.66
N VAL A 340 -15.34 31.43 -13.71
CA VAL A 340 -14.21 32.17 -13.17
C VAL A 340 -12.90 31.85 -13.89
N TRP A 341 -12.61 30.56 -14.09
CA TRP A 341 -11.27 30.13 -14.42
C TRP A 341 -10.80 30.69 -15.77
N ALA A 342 -11.63 30.55 -16.80
CA ALA A 342 -11.20 30.94 -18.14
C ALA A 342 -10.97 32.45 -18.24
N ALA A 343 -11.84 33.26 -17.63
CA ALA A 343 -11.64 34.71 -17.63
C ALA A 343 -10.35 35.09 -16.93
N MET A 344 -10.03 34.45 -15.80
CA MET A 344 -8.82 34.80 -15.08
C MET A 344 -7.57 34.30 -15.81
N ASN A 345 -7.63 33.09 -16.39
CA ASN A 345 -6.52 32.60 -17.20
C ASN A 345 -6.23 33.54 -18.35
N ASP A 346 -7.29 34.01 -19.01
CA ASP A 346 -7.10 34.93 -20.12
C ASP A 346 -6.45 36.23 -19.66
N ALA A 347 -6.90 36.76 -18.52
CA ALA A 347 -6.32 38.01 -18.01
C ALA A 347 -4.86 37.83 -17.68
N LEU A 348 -4.50 36.72 -17.02
CA LEU A 348 -3.09 36.51 -16.68
C LEU A 348 -2.25 36.30 -17.92
N ASN A 349 -2.80 35.66 -18.96
CA ASN A 349 -2.07 35.55 -20.22
C ASN A 349 -1.70 36.92 -20.78
N LEU A 350 -2.66 37.85 -20.74
CA LEU A 350 -2.37 39.21 -21.22
C LEU A 350 -1.29 39.87 -20.40
N VAL A 351 -1.32 39.69 -19.07
CA VAL A 351 -0.35 40.35 -18.21
C VAL A 351 1.05 39.81 -18.46
N VAL A 352 1.21 38.48 -18.45
CA VAL A 352 2.56 37.94 -18.60
C VAL A 352 3.13 38.17 -19.99
N ASN A 353 2.28 38.44 -20.96
CA ASN A 353 2.75 38.75 -22.31
C ASN A 353 2.82 40.24 -22.59
N GLY A 354 2.65 41.08 -21.57
CA GLY A 354 2.80 42.51 -21.74
C GLY A 354 1.77 43.11 -22.69
N LYS A 355 0.55 42.60 -22.66
CA LYS A 355 -0.49 43.03 -23.60
C LYS A 355 -1.47 44.00 -22.97
N ALA A 356 -1.45 44.15 -21.66
CA ALA A 356 -2.37 45.02 -20.95
C ALA A 356 -1.79 45.27 -19.55
N THR A 357 -2.20 46.37 -18.95
CA THR A 357 -1.85 46.61 -17.56
C THR A 357 -2.58 45.61 -16.67
N VAL A 358 -2.09 45.48 -15.44
CA VAL A 358 -2.74 44.56 -14.51
C VAL A 358 -4.16 45.02 -14.23
N GLU A 359 -4.35 46.33 -14.04
CA GLU A 359 -5.65 46.85 -13.65
C GLU A 359 -6.66 46.66 -14.76
N GLU A 360 -6.25 46.90 -16.00
CA GLU A 360 -7.14 46.70 -17.13
C GLU A 360 -7.47 45.23 -17.33
N ALA A 361 -6.47 44.37 -17.20
CA ALA A 361 -6.71 42.95 -17.47
C ALA A 361 -7.68 42.38 -16.45
N LEU A 362 -7.47 42.71 -15.17
CA LEU A 362 -8.33 42.17 -14.12
C LEU A 362 -9.71 42.80 -14.18
N LYS A 363 -9.78 44.10 -14.46
CA LYS A 363 -11.07 44.77 -14.57
C LYS A 363 -11.93 44.10 -15.63
N ASN A 364 -11.34 43.86 -16.80
CA ASN A 364 -12.09 43.21 -17.88
C ASN A 364 -12.45 41.78 -17.49
N ALA A 365 -11.56 41.08 -16.77
CA ALA A 365 -11.87 39.72 -16.33
C ALA A 365 -13.12 39.69 -15.46
N VAL A 366 -13.21 40.61 -14.50
CA VAL A 366 -14.37 40.63 -13.61
C VAL A 366 -15.66 40.99 -14.36
N GLU A 367 -15.58 41.92 -15.33
CA GLU A 367 -16.77 42.20 -16.12
C GLU A 367 -17.18 40.98 -16.94
N ARG A 368 -16.21 40.20 -17.41
CA ARG A 368 -16.53 38.98 -18.12
C ARG A 368 -17.18 37.96 -17.21
N ILE A 369 -16.64 37.79 -16.00
CA ILE A 369 -17.20 36.82 -15.06
C ILE A 369 -18.62 37.19 -14.69
N LYS A 370 -18.84 38.48 -14.39
CA LYS A 370 -20.16 38.95 -13.97
C LYS A 370 -21.18 38.76 -15.09
N ALA A 371 -20.82 39.13 -16.32
CA ALA A 371 -21.76 38.99 -17.43
C ALA A 371 -22.17 37.54 -17.61
N GLN A 372 -21.21 36.62 -17.48
CA GLN A 372 -21.53 35.22 -17.63
C GLN A 372 -22.40 34.71 -16.49
N ILE A 373 -22.15 35.16 -15.24
CA ILE A 373 -22.96 34.75 -14.10
C ILE A 373 -24.40 35.26 -14.24
N GLN A 374 -24.55 36.50 -14.71
CA GLN A 374 -25.86 37.11 -14.87
C GLN A 374 -26.60 36.58 -16.09
N SER A 375 -25.88 35.92 -16.99
CA SER A 375 -26.35 35.10 -18.12
C SER A 375 -26.12 35.73 -19.48
N MET B 1 32.20 4.72 -7.04
CA MET B 1 31.64 3.52 -7.62
C MET B 1 30.33 3.13 -6.93
N GLN B 2 29.27 2.89 -7.69
CA GLN B 2 27.98 2.59 -7.10
C GLN B 2 28.03 1.25 -6.36
N PRO B 3 27.54 1.20 -5.11
CA PRO B 3 27.44 -0.09 -4.41
C PRO B 3 26.15 -0.81 -4.81
N LYS B 4 26.10 -2.09 -4.47
CA LYS B 4 24.97 -2.92 -4.83
C LYS B 4 24.63 -3.84 -3.66
N LEU B 5 23.33 -4.04 -3.44
CA LEU B 5 22.81 -5.06 -2.54
C LEU B 5 22.04 -6.09 -3.35
N THR B 6 22.34 -7.36 -3.11
N THR B 6 22.35 -7.36 -3.14
CA THR B 6 21.62 -8.46 -3.74
CA THR B 6 21.59 -8.43 -3.76
C THR B 6 20.75 -9.16 -2.69
C THR B 6 20.73 -9.11 -2.69
N ILE B 7 19.54 -9.55 -3.09
CA ILE B 7 18.59 -10.21 -2.20
C ILE B 7 18.13 -11.50 -2.87
N TRP B 8 18.12 -12.60 -2.11
CA TRP B 8 17.48 -13.83 -2.54
C TRP B 8 16.18 -14.03 -1.77
N CYS B 9 15.11 -14.32 -2.50
CA CYS B 9 13.84 -14.61 -1.87
C CYS B 9 13.02 -15.52 -2.77
N SER B 10 11.97 -16.09 -2.18
CA SER B 10 11.05 -16.95 -2.88
C SER B 10 10.17 -16.15 -3.83
N GLU B 11 9.32 -16.87 -4.58
CA GLU B 11 8.46 -16.23 -5.55
C GLU B 11 7.48 -15.26 -4.89
N LYS B 12 7.15 -15.48 -3.60
CA LYS B 12 6.10 -14.70 -2.97
C LYS B 12 6.47 -13.24 -2.76
N GLN B 13 7.76 -12.94 -2.51
CA GLN B 13 8.17 -11.60 -2.16
C GLN B 13 8.89 -10.87 -3.30
N VAL B 14 9.17 -11.56 -4.41
CA VAL B 14 10.09 -10.98 -5.39
C VAL B 14 9.56 -9.68 -5.97
N ASP B 15 8.28 -9.64 -6.31
CA ASP B 15 7.74 -8.48 -7.01
C ASP B 15 7.81 -7.23 -6.14
N ILE B 16 7.34 -7.32 -4.89
CA ILE B 16 7.35 -6.14 -4.04
C ILE B 16 8.78 -5.76 -3.68
N LEU B 17 9.67 -6.75 -3.45
CA LEU B 17 11.04 -6.38 -3.11
C LEU B 17 11.77 -5.75 -4.29
N GLN B 18 11.46 -6.19 -5.52
CA GLN B 18 12.00 -5.51 -6.70
C GLN B 18 11.55 -4.06 -6.77
N LYS B 19 10.26 -3.80 -6.52
CA LYS B 19 9.76 -2.43 -6.55
C LYS B 19 10.39 -1.59 -5.45
N LEU B 20 10.45 -2.12 -4.23
CA LEU B 20 11.08 -1.37 -3.15
C LEU B 20 12.56 -1.10 -3.42
N GLY B 21 13.27 -2.06 -4.01
CA GLY B 21 14.67 -1.82 -4.35
C GLY B 21 14.85 -0.73 -5.39
N GLU B 22 13.94 -0.65 -6.36
CA GLU B 22 13.99 0.45 -7.32
C GLU B 22 13.84 1.79 -6.63
N GLU B 23 12.94 1.85 -5.63
CA GLU B 23 12.75 3.09 -4.89
C GLU B 23 13.97 3.45 -4.04
N PHE B 24 14.60 2.44 -3.42
CA PHE B 24 15.82 2.68 -2.66
C PHE B 24 16.93 3.20 -3.57
N LYS B 25 17.03 2.66 -4.78
CA LYS B 25 18.04 3.13 -5.70
C LYS B 25 17.78 4.58 -6.11
N ALA B 26 16.53 4.91 -6.40
CA ALA B 26 16.22 6.28 -6.78
C ALA B 26 16.59 7.27 -5.69
N LYS B 27 16.34 6.90 -4.42
CA LYS B 27 16.59 7.81 -3.32
C LYS B 27 18.06 7.90 -2.94
N TYR B 28 18.77 6.76 -2.93
CA TYR B 28 20.12 6.70 -2.37
C TYR B 28 21.23 6.40 -3.36
N GLY B 29 20.91 6.04 -4.61
CA GLY B 29 21.95 5.67 -5.54
C GLY B 29 22.54 4.30 -5.32
N VAL B 30 21.92 3.47 -4.50
CA VAL B 30 22.37 2.11 -4.23
C VAL B 30 21.60 1.15 -5.13
N GLU B 31 22.32 0.39 -5.96
CA GLU B 31 21.66 -0.64 -6.76
C GLU B 31 21.14 -1.77 -5.87
N VAL B 32 19.92 -2.22 -6.17
CA VAL B 32 19.32 -3.36 -5.50
C VAL B 32 18.90 -4.37 -6.57
N GLU B 33 19.32 -5.63 -6.39
CA GLU B 33 19.05 -6.71 -7.33
C GLU B 33 18.37 -7.83 -6.54
N VAL B 34 17.11 -8.10 -6.86
CA VAL B 34 16.33 -9.15 -6.21
C VAL B 34 16.26 -10.36 -7.14
N GLN B 35 16.73 -11.51 -6.66
CA GLN B 35 16.77 -12.74 -7.45
C GLN B 35 15.85 -13.78 -6.82
N TYR B 36 14.88 -14.24 -7.60
CA TYR B 36 14.07 -15.38 -7.17
C TYR B 36 14.95 -16.60 -6.98
N VAL B 37 14.76 -17.27 -5.84
CA VAL B 37 15.32 -18.58 -5.57
C VAL B 37 14.21 -19.42 -4.96
N ASN B 38 14.06 -20.64 -5.44
CA ASN B 38 13.06 -21.54 -4.91
C ASN B 38 13.24 -21.68 -3.40
N PHE B 39 12.13 -21.56 -2.64
CA PHE B 39 12.22 -21.45 -1.18
C PHE B 39 13.02 -22.58 -0.52
N GLN B 40 12.69 -23.82 -0.86
CA GLN B 40 13.36 -24.99 -0.30
C GLN B 40 14.82 -25.09 -0.70
N ASP B 41 15.30 -24.19 -1.56
CA ASP B 41 16.69 -24.15 -1.97
C ASP B 41 17.44 -22.94 -1.44
N ILE B 42 16.75 -21.98 -0.80
CA ILE B 42 17.45 -20.77 -0.33
C ILE B 42 18.51 -21.10 0.70
N LYS B 43 18.14 -21.84 1.76
CA LYS B 43 19.12 -22.08 2.84
C LYS B 43 20.31 -22.91 2.36
N SER B 44 20.04 -23.97 1.60
CA SER B 44 21.13 -24.82 1.10
C SER B 44 22.01 -24.09 0.09
N LYS B 45 21.42 -23.28 -0.78
CA LYS B 45 22.21 -22.46 -1.69
C LYS B 45 23.09 -21.49 -0.92
N PHE B 46 22.55 -20.92 0.15
CA PHE B 46 23.29 -19.95 0.95
C PHE B 46 24.41 -20.63 1.74
N LEU B 47 24.12 -21.81 2.30
CA LEU B 47 25.16 -22.56 3.02
C LEU B 47 26.35 -22.85 2.12
N THR B 48 26.10 -23.16 0.85
CA THR B 48 27.17 -23.43 -0.11
C THR B 48 27.84 -22.15 -0.56
N ALA B 49 27.06 -21.13 -0.92
CA ALA B 49 27.62 -19.96 -1.59
C ALA B 49 28.21 -18.94 -0.62
N ALA B 50 27.61 -18.76 0.56
CA ALA B 50 28.10 -17.71 1.45
C ALA B 50 29.56 -17.87 1.85
N PRO B 51 30.05 -19.06 2.26
CA PRO B 51 31.49 -19.20 2.54
C PRO B 51 32.37 -18.99 1.33
N GLU B 52 31.84 -19.17 0.11
CA GLU B 52 32.61 -18.99 -1.11
C GLU B 52 32.61 -17.55 -1.59
N GLY B 53 32.03 -16.63 -0.82
CA GLY B 53 31.94 -15.26 -1.24
C GLY B 53 30.89 -15.00 -2.28
N GLN B 54 29.99 -15.94 -2.52
CA GLN B 54 28.99 -15.85 -3.57
C GLN B 54 27.57 -15.77 -3.05
N GLY B 55 27.38 -15.57 -1.76
CA GLY B 55 26.05 -15.43 -1.21
C GLY B 55 25.50 -14.04 -1.40
N ALA B 56 24.17 -13.97 -1.46
CA ALA B 56 23.49 -12.68 -1.51
C ALA B 56 23.78 -11.88 -0.26
N ASP B 57 23.70 -10.55 -0.38
CA ASP B 57 23.88 -9.72 0.80
C ASP B 57 22.77 -9.93 1.82
N ILE B 58 21.56 -10.21 1.34
CA ILE B 58 20.38 -10.40 2.19
C ILE B 58 19.63 -11.61 1.64
N ILE B 59 19.19 -12.48 2.54
CA ILE B 59 18.28 -13.58 2.20
C ILE B 59 16.99 -13.40 2.98
N VAL B 60 15.88 -13.88 2.40
CA VAL B 60 14.57 -13.80 3.02
C VAL B 60 14.11 -15.22 3.28
N GLY B 61 13.70 -15.50 4.52
CA GLY B 61 13.21 -16.84 4.79
C GLY B 61 12.73 -17.05 6.21
N ALA B 62 12.68 -18.33 6.59
CA ALA B 62 11.97 -18.72 7.80
C ALA B 62 12.88 -18.72 9.02
N HIS B 63 12.29 -18.43 10.18
CA HIS B 63 13.11 -18.19 11.37
C HIS B 63 13.80 -19.44 11.90
N ASP B 64 13.33 -20.63 11.54
CA ASP B 64 13.99 -21.84 12.06
C ASP B 64 15.44 -21.95 11.58
N TRP B 65 15.80 -21.27 10.50
CA TRP B 65 17.16 -21.29 9.96
C TRP B 65 18.17 -20.58 10.85
N VAL B 66 17.71 -19.76 11.80
CA VAL B 66 18.57 -18.76 12.44
C VAL B 66 19.72 -19.40 13.20
N GLY B 67 19.43 -20.36 14.06
CA GLY B 67 20.49 -20.97 14.87
C GLY B 67 21.57 -21.63 14.02
N GLU B 68 21.16 -22.44 13.04
CA GLU B 68 22.12 -23.06 12.15
C GLU B 68 22.97 -22.00 11.45
N LEU B 69 22.34 -20.99 10.86
CA LEU B 69 23.12 -19.99 10.14
C LEU B 69 23.97 -19.16 11.08
N ALA B 70 23.50 -18.91 12.30
CA ALA B 70 24.27 -18.08 13.23
C ALA B 70 25.51 -18.83 13.71
N VAL B 71 25.36 -20.10 14.10
CA VAL B 71 26.49 -20.86 14.62
C VAL B 71 27.50 -21.16 13.51
N ASN B 72 27.04 -21.23 12.26
CA ASN B 72 27.97 -21.38 11.15
C ASN B 72 28.62 -20.06 10.73
N GLY B 73 28.29 -18.97 11.41
CA GLY B 73 28.87 -17.67 11.11
C GLY B 73 28.44 -17.05 9.82
N LEU B 74 27.23 -17.35 9.33
CA LEU B 74 26.78 -16.91 8.01
C LEU B 74 25.81 -15.74 8.02
N ILE B 75 25.17 -15.44 9.15
CA ILE B 75 24.27 -14.30 9.26
C ILE B 75 24.75 -13.35 10.36
N GLU B 76 24.53 -12.05 10.12
CA GLU B 76 25.09 -10.98 10.90
C GLU B 76 24.10 -10.52 11.98
N PRO B 77 24.53 -10.32 13.22
CA PRO B 77 23.59 -9.77 14.22
C PRO B 77 23.13 -8.37 13.85
N ILE B 78 21.89 -8.07 14.22
CA ILE B 78 21.27 -6.77 13.93
C ILE B 78 21.32 -5.94 15.20
N PRO B 79 22.09 -4.85 15.26
CA PRO B 79 22.12 -4.04 16.48
C PRO B 79 20.77 -3.40 16.76
N ASN B 80 20.55 -3.09 18.03
CA ASN B 80 19.29 -2.50 18.46
C ASN B 80 19.00 -1.19 17.76
N PHE B 81 17.73 -0.91 17.59
CA PHE B 81 17.28 0.39 17.08
C PHE B 81 15.92 0.67 17.69
N SER B 82 15.60 1.96 17.83
CA SER B 82 14.42 2.37 18.57
C SER B 82 13.14 1.77 17.99
N ASP B 83 13.07 1.62 16.68
CA ASP B 83 11.82 1.16 16.09
C ASP B 83 11.49 -0.29 16.41
N LEU B 84 12.40 -1.00 17.08
CA LEU B 84 12.13 -2.37 17.50
C LEU B 84 10.89 -2.45 18.39
N LYS B 85 10.58 -1.36 19.10
CA LYS B 85 9.42 -1.33 19.97
C LYS B 85 8.11 -1.58 19.22
N ASN B 86 8.12 -1.36 17.92
CA ASN B 86 6.91 -1.52 17.09
C ASN B 86 6.66 -2.94 16.62
N PHE B 87 7.58 -3.87 16.89
CA PHE B 87 7.46 -5.25 16.44
C PHE B 87 7.00 -6.16 17.59
N TYR B 88 6.20 -7.17 17.24
CA TYR B 88 5.75 -8.15 18.22
C TYR B 88 6.94 -8.92 18.80
N GLU B 89 6.94 -9.06 20.12
CA GLU B 89 8.03 -9.78 20.80
C GLU B 89 8.21 -11.19 20.23
N THR B 90 7.11 -11.86 19.89
CA THR B 90 7.24 -13.23 19.37
C THR B 90 8.01 -13.25 18.05
N ALA B 91 7.81 -12.23 17.22
CA ALA B 91 8.51 -12.19 15.94
C ALA B 91 9.99 -11.89 16.15
N LEU B 92 10.32 -10.98 17.07
CA LEU B 92 11.72 -10.68 17.34
C LEU B 92 12.41 -11.85 18.00
N ASN B 93 11.74 -12.49 18.97
CA ASN B 93 12.35 -13.63 19.63
C ASN B 93 12.60 -14.77 18.64
N ALA B 94 11.68 -14.97 17.69
CA ALA B 94 11.90 -15.99 16.66
C ALA B 94 13.17 -15.74 15.86
N PHE B 95 13.55 -14.48 15.68
CA PHE B 95 14.75 -14.16 14.94
C PHE B 95 15.96 -13.90 15.83
N SER B 96 15.87 -14.29 17.10
CA SER B 96 16.95 -14.07 18.06
C SER B 96 17.58 -15.40 18.46
N TYR B 97 18.88 -15.38 18.66
CA TYR B 97 19.62 -16.56 19.04
C TYR B 97 20.91 -16.16 19.76
N GLY B 98 21.23 -16.87 20.83
CA GLY B 98 22.43 -16.58 21.59
C GLY B 98 22.52 -15.15 22.09
N GLY B 99 21.38 -14.54 22.44
CA GLY B 99 21.37 -13.20 22.97
C GLY B 99 21.32 -12.08 21.94
N LYS B 100 21.37 -12.40 20.65
CA LYS B 100 21.42 -11.37 19.61
C LYS B 100 20.28 -11.54 18.62
N LEU B 101 19.87 -10.43 18.02
CA LEU B 101 18.86 -10.45 16.97
C LEU B 101 19.56 -10.69 15.63
N TYR B 102 18.99 -11.59 14.82
CA TYR B 102 19.63 -12.04 13.58
C TYR B 102 18.77 -11.81 12.33
N GLY B 103 17.67 -11.11 12.46
CA GLY B 103 16.87 -10.79 11.29
C GLY B 103 15.82 -9.76 11.65
N ILE B 104 15.29 -9.13 10.61
CA ILE B 104 14.15 -8.22 10.72
C ILE B 104 12.92 -8.98 10.25
N PRO B 105 11.98 -9.33 11.14
CA PRO B 105 10.81 -10.09 10.72
C PRO B 105 9.77 -9.21 10.06
N TYR B 106 9.16 -9.71 8.98
CA TYR B 106 8.09 -8.99 8.32
C TYR B 106 6.72 -9.63 8.53
N ALA B 107 6.68 -10.90 8.95
CA ALA B 107 5.40 -11.58 9.10
C ALA B 107 5.54 -12.82 9.98
N MET B 108 4.44 -13.12 10.67
N MET B 108 4.43 -13.13 10.65
CA MET B 108 4.19 -14.42 11.29
CA MET B 108 4.17 -14.40 11.29
C MET B 108 3.20 -15.19 10.44
C MET B 108 3.18 -15.18 10.44
N GLU B 109 3.07 -16.48 10.73
CA GLU B 109 2.19 -17.35 9.96
C GLU B 109 1.99 -18.65 10.70
N ALA B 110 0.90 -19.34 10.35
CA ALA B 110 0.66 -20.71 10.75
C ALA B 110 -0.29 -21.25 9.72
N ILE B 111 -0.20 -22.55 9.45
CA ILE B 111 -1.16 -23.13 8.53
C ILE B 111 -2.55 -23.18 9.18
N ALA B 112 -3.56 -23.26 8.33
CA ALA B 112 -4.94 -23.20 8.78
C ALA B 112 -5.79 -23.95 7.77
N LEU B 113 -7.06 -24.13 8.12
CA LEU B 113 -8.03 -24.67 7.20
C LEU B 113 -8.44 -23.54 6.27
N ILE B 114 -8.14 -23.70 4.99
CA ILE B 114 -8.58 -22.78 3.95
C ILE B 114 -9.64 -23.55 3.18
N TYR B 115 -10.84 -22.98 3.06
CA TYR B 115 -11.96 -23.72 2.49
C TYR B 115 -12.64 -22.89 1.42
N ASN B 116 -13.09 -23.57 0.36
CA ASN B 116 -13.76 -22.94 -0.76
C ASN B 116 -15.23 -22.85 -0.40
N LYS B 117 -15.75 -21.63 -0.26
CA LYS B 117 -17.11 -21.44 0.21
C LYS B 117 -18.16 -21.91 -0.78
N ASP B 118 -17.78 -22.11 -2.04
CA ASP B 118 -18.70 -22.68 -3.02
C ASP B 118 -19.10 -24.08 -2.64
N TYR B 119 -18.21 -24.82 -1.99
CA TYR B 119 -18.44 -26.20 -1.56
C TYR B 119 -18.70 -26.33 -0.07
N VAL B 120 -18.12 -25.45 0.73
CA VAL B 120 -18.20 -25.53 2.18
C VAL B 120 -18.57 -24.14 2.68
N PRO B 121 -19.87 -23.82 2.72
CA PRO B 121 -20.28 -22.48 3.20
C PRO B 121 -19.84 -22.21 4.62
N GLU B 122 -19.87 -23.23 5.47
CA GLU B 122 -19.50 -23.10 6.86
C GLU B 122 -18.46 -24.17 7.13
N PRO B 123 -17.33 -23.82 7.74
CA PRO B 123 -16.25 -24.78 7.91
C PRO B 123 -16.57 -25.75 9.03
N PRO B 124 -16.10 -26.99 8.92
CA PRO B 124 -16.28 -27.94 10.01
C PRO B 124 -15.56 -27.49 11.27
N LYS B 125 -16.14 -27.85 12.40
CA LYS B 125 -15.55 -27.50 13.69
C LYS B 125 -14.70 -28.62 14.28
N THR B 126 -14.89 -29.87 13.87
CA THR B 126 -14.08 -30.99 14.33
C THR B 126 -13.55 -31.74 13.12
N MET B 127 -12.48 -32.52 13.32
CA MET B 127 -11.95 -33.34 12.23
C MET B 127 -12.95 -34.39 11.79
N ASP B 128 -13.73 -34.93 12.72
CA ASP B 128 -14.77 -35.88 12.33
C ASP B 128 -15.75 -35.23 11.37
N GLU B 129 -16.13 -33.98 11.64
CA GLU B 129 -17.02 -33.26 10.73
C GLU B 129 -16.32 -32.99 9.40
N LEU B 130 -15.04 -32.64 9.45
CA LEU B 130 -14.29 -32.42 8.20
C LEU B 130 -14.28 -33.69 7.36
N ILE B 131 -14.06 -34.84 7.98
CA ILE B 131 -14.01 -36.11 7.26
C ILE B 131 -15.34 -36.40 6.57
N GLU B 132 -16.45 -36.15 7.28
CA GLU B 132 -17.77 -36.37 6.68
C GLU B 132 -17.99 -35.46 5.47
N ILE B 133 -17.67 -34.18 5.60
CA ILE B 133 -17.83 -33.23 4.50
C ILE B 133 -16.95 -33.63 3.32
N ALA B 134 -15.71 -34.04 3.59
CA ALA B 134 -14.81 -34.43 2.53
C ALA B 134 -15.33 -35.64 1.75
N LYS B 135 -15.85 -36.65 2.46
CA LYS B 135 -16.43 -37.81 1.81
C LYS B 135 -17.63 -37.42 0.95
N GLN B 136 -18.48 -36.55 1.50
CA GLN B 136 -19.65 -36.07 0.77
C GLN B 136 -19.25 -35.40 -0.53
N ILE B 137 -18.31 -34.46 -0.46
CA ILE B 137 -17.84 -33.80 -1.67
C ILE B 137 -17.19 -34.80 -2.62
N ASP B 138 -16.42 -35.75 -2.09
CA ASP B 138 -15.79 -36.74 -2.96
C ASP B 138 -16.84 -37.56 -3.73
N GLU B 139 -17.97 -37.84 -3.11
CA GLU B 139 -18.99 -38.60 -3.82
C GLU B 139 -19.79 -37.72 -4.78
N GLU B 140 -20.12 -36.49 -4.36
CA GLU B 140 -21.10 -35.68 -5.09
C GLU B 140 -20.57 -35.20 -6.44
N PHE B 141 -19.32 -34.75 -6.49
CA PHE B 141 -18.75 -34.20 -7.70
C PHE B 141 -17.93 -35.23 -8.46
N GLY B 142 -18.16 -36.51 -8.18
CA GLY B 142 -17.38 -37.53 -8.82
C GLY B 142 -15.94 -37.37 -8.38
N GLY B 143 -15.01 -37.71 -9.24
CA GLY B 143 -13.63 -37.56 -8.83
C GLY B 143 -13.02 -36.23 -9.19
N GLU B 144 -13.85 -35.21 -9.46
N GLU B 144 -13.85 -35.22 -9.44
CA GLU B 144 -13.34 -33.98 -10.04
CA GLU B 144 -13.38 -33.98 -10.05
C GLU B 144 -13.22 -32.82 -9.06
C GLU B 144 -13.24 -32.82 -9.07
N VAL B 145 -13.77 -32.93 -7.86
CA VAL B 145 -13.47 -32.03 -6.75
C VAL B 145 -12.92 -32.86 -5.61
N ARG B 146 -11.81 -32.42 -5.02
CA ARG B 146 -11.25 -33.11 -3.86
C ARG B 146 -11.89 -32.55 -2.59
N GLY B 147 -12.36 -33.43 -1.73
CA GLY B 147 -12.96 -33.00 -0.47
C GLY B 147 -11.95 -32.36 0.46
N PHE B 148 -10.75 -32.93 0.53
CA PHE B 148 -9.73 -32.44 1.45
C PHE B 148 -8.36 -32.81 0.91
N ILE B 149 -7.42 -31.87 0.96
CA ILE B 149 -6.02 -32.14 0.60
C ILE B 149 -5.10 -31.39 1.54
N THR B 150 -4.02 -32.05 1.95
CA THR B 150 -2.84 -31.33 2.42
C THR B 150 -1.62 -32.14 2.01
N SER B 151 -0.45 -31.65 2.39
CA SER B 151 0.79 -32.35 2.08
C SER B 151 0.97 -33.50 3.06
N ALA B 152 0.48 -34.67 2.64
CA ALA B 152 0.21 -35.79 3.54
C ALA B 152 1.47 -36.38 4.16
N ALA B 153 2.62 -36.30 3.49
CA ALA B 153 3.83 -36.93 3.96
C ALA B 153 4.89 -35.93 4.41
N GLU B 154 4.49 -34.69 4.69
N GLU B 154 4.50 -34.68 4.67
CA GLU B 154 5.42 -33.65 5.13
CA GLU B 154 5.43 -33.64 5.12
C GLU B 154 5.14 -33.28 6.58
C GLU B 154 5.14 -33.29 6.57
N PHE B 155 6.16 -33.42 7.43
CA PHE B 155 6.01 -33.17 8.86
C PHE B 155 5.46 -31.79 9.16
N TYR B 156 5.93 -30.77 8.43
CA TYR B 156 5.47 -29.41 8.68
C TYR B 156 3.95 -29.31 8.64
N TYR B 157 3.30 -30.03 7.72
CA TYR B 157 1.85 -29.98 7.57
C TYR B 157 1.07 -30.92 8.49
N ILE B 158 1.72 -31.99 8.99
CA ILE B 158 1.10 -32.92 9.94
C ILE B 158 1.37 -32.53 11.39
N ALA B 159 2.35 -31.66 11.63
CA ALA B 159 2.64 -31.17 12.97
C ALA B 159 1.43 -30.73 13.78
N PRO B 160 0.41 -30.05 13.22
CA PRO B 160 -0.73 -29.64 14.06
C PRO B 160 -1.40 -30.81 14.76
N PHE B 161 -1.45 -31.99 14.14
CA PHE B 161 -2.02 -33.16 14.77
C PHE B 161 -1.11 -33.68 15.87
N ILE B 162 0.20 -33.74 15.57
CA ILE B 162 1.20 -34.23 16.52
C ILE B 162 1.19 -33.38 17.79
N PHE B 163 1.28 -32.06 17.64
CA PHE B 163 1.34 -31.17 18.78
C PHE B 163 0.00 -31.07 19.50
N GLY B 164 -1.11 -31.17 18.76
CA GLY B 164 -2.41 -31.08 19.41
C GLY B 164 -2.59 -32.16 20.46
N TYR B 165 -2.06 -33.34 20.21
CA TYR B 165 -2.22 -34.45 21.13
C TYR B 165 -1.11 -34.52 22.17
N GLY B 166 -0.13 -33.61 22.13
CA GLY B 166 0.90 -33.57 23.15
C GLY B 166 2.30 -33.93 22.69
N GLY B 167 2.51 -34.23 21.41
CA GLY B 167 3.86 -34.36 20.91
C GLY B 167 4.60 -33.02 20.96
N TYR B 168 5.92 -33.08 20.90
CA TYR B 168 6.74 -31.87 20.92
C TYR B 168 8.07 -32.21 20.25
N VAL B 169 8.75 -31.18 19.77
CA VAL B 169 10.04 -31.37 19.13
C VAL B 169 11.10 -31.52 20.22
N PHE B 170 11.47 -30.41 20.84
CA PHE B 170 12.42 -30.39 21.94
C PHE B 170 11.70 -29.89 23.19
N LYS B 171 11.92 -30.57 24.31
CA LYS B 171 11.20 -30.23 25.53
C LYS B 171 11.54 -28.81 25.98
N GLN B 172 10.49 -28.02 26.21
CA GLN B 172 10.64 -26.67 26.70
C GLN B 172 10.92 -26.72 28.20
N THR B 173 12.09 -26.24 28.60
CA THR B 173 12.49 -26.19 30.00
C THR B 173 12.71 -24.75 30.41
N GLU B 174 12.88 -24.56 31.71
CA GLU B 174 13.13 -23.21 32.20
C GLU B 174 14.50 -22.69 31.81
N LYS B 175 15.39 -23.56 31.35
CA LYS B 175 16.68 -23.11 30.87
C LYS B 175 16.77 -23.12 29.35
N GLY B 176 15.65 -23.33 28.65
CA GLY B 176 15.62 -23.37 27.21
C GLY B 176 15.15 -24.71 26.69
N LEU B 177 15.37 -24.92 25.39
CA LEU B 177 15.01 -26.17 24.74
C LEU B 177 16.02 -27.26 25.06
N ASP B 178 15.53 -28.44 25.44
CA ASP B 178 16.38 -29.60 25.72
C ASP B 178 16.41 -30.46 24.47
N VAL B 179 17.48 -30.35 23.69
CA VAL B 179 17.58 -31.08 22.43
C VAL B 179 17.79 -32.58 22.62
N ASN B 180 18.02 -33.03 23.85
CA ASN B 180 18.11 -34.45 24.11
C ASN B 180 16.80 -35.06 24.63
N ASP B 181 15.75 -34.25 24.75
CA ASP B 181 14.42 -34.73 25.13
C ASP B 181 13.52 -34.43 23.94
N ILE B 182 13.35 -35.43 23.09
CA ILE B 182 12.57 -35.29 21.85
C ILE B 182 11.24 -36.00 22.07
N GLY B 183 10.16 -35.33 21.70
CA GLY B 183 8.83 -35.88 21.94
C GLY B 183 8.04 -36.20 20.69
N LEU B 184 8.73 -36.50 19.59
CA LEU B 184 8.09 -36.77 18.32
C LEU B 184 7.67 -38.23 18.17
N ALA B 185 7.91 -39.04 19.20
CA ALA B 185 7.42 -40.41 19.23
C ALA B 185 6.75 -40.74 20.56
N ASN B 186 6.31 -39.74 21.31
CA ASN B 186 5.55 -40.02 22.52
C ASN B 186 4.12 -40.45 22.15
N GLU B 187 3.30 -40.67 23.17
CA GLU B 187 1.95 -41.16 22.93
C GLU B 187 1.13 -40.17 22.11
N GLY B 188 1.29 -38.88 22.39
CA GLY B 188 0.53 -37.87 21.65
C GLY B 188 0.95 -37.79 20.19
N ALA B 189 2.26 -37.84 19.94
CA ALA B 189 2.73 -37.84 18.55
C ALA B 189 2.19 -39.05 17.81
N ILE B 190 2.17 -40.21 18.48
CA ILE B 190 1.63 -41.42 17.86
C ILE B 190 0.15 -41.26 17.58
N LYS B 191 -0.59 -40.68 18.52
CA LYS B 191 -2.02 -40.46 18.32
C LYS B 191 -2.25 -39.48 17.18
N GLY B 192 -1.40 -38.47 17.04
CA GLY B 192 -1.55 -37.51 15.96
C GLY B 192 -1.29 -38.09 14.58
N VAL B 193 -0.24 -38.90 14.46
CA VAL B 193 0.07 -39.55 13.19
C VAL B 193 -0.95 -40.67 12.89
N LYS B 194 -1.56 -41.24 13.93
CA LYS B 194 -2.63 -42.20 13.67
C LYS B 194 -3.84 -41.54 13.04
N LEU B 195 -4.09 -40.26 13.37
CA LEU B 195 -5.15 -39.53 12.68
C LEU B 195 -4.82 -39.36 11.19
N LEU B 196 -3.56 -39.04 10.87
CA LEU B 196 -3.16 -38.98 9.48
C LEU B 196 -3.41 -40.32 8.79
N LYS B 197 -3.04 -41.42 9.44
CA LYS B 197 -3.25 -42.73 8.83
C LYS B 197 -4.73 -43.03 8.64
N ARG B 198 -5.57 -42.57 9.56
CA ARG B 198 -7.02 -42.68 9.38
C ARG B 198 -7.48 -41.92 8.15
N LEU B 199 -6.95 -40.72 7.93
CA LEU B 199 -7.35 -39.95 6.76
C LEU B 199 -6.99 -40.70 5.47
N VAL B 200 -5.82 -41.33 5.43
CA VAL B 200 -5.41 -42.09 4.25
C VAL B 200 -6.23 -43.37 4.11
N ASP B 201 -6.40 -44.09 5.23
CA ASP B 201 -7.10 -45.36 5.19
C ASP B 201 -8.56 -45.19 4.78
N GLU B 202 -9.19 -44.12 5.22
CA GLU B 202 -10.57 -43.84 4.83
C GLU B 202 -10.68 -43.15 3.47
N GLY B 203 -9.58 -42.92 2.77
CA GLY B 203 -9.64 -42.39 1.42
C GLY B 203 -9.81 -40.89 1.28
N ILE B 204 -9.63 -40.13 2.36
CA ILE B 204 -9.74 -38.67 2.32
C ILE B 204 -8.48 -38.03 1.78
N LEU B 205 -7.33 -38.57 2.17
CA LEU B 205 -6.02 -38.18 1.66
C LEU B 205 -5.44 -39.31 0.81
N ASP B 206 -4.66 -38.92 -0.18
CA ASP B 206 -4.00 -39.89 -1.02
C ASP B 206 -2.51 -39.94 -0.70
N PRO B 207 -1.88 -41.12 -0.76
CA PRO B 207 -0.44 -41.20 -0.46
C PRO B 207 0.41 -40.28 -1.32
N SER B 208 -0.05 -39.89 -2.50
CA SER B 208 0.70 -39.03 -3.41
C SER B 208 0.44 -37.55 -3.20
N ASP B 209 -0.44 -37.18 -2.26
CA ASP B 209 -0.74 -35.77 -2.02
C ASP B 209 0.52 -35.04 -1.57
N ASN B 210 0.80 -33.91 -2.23
CA ASN B 210 1.95 -33.08 -1.89
C ASN B 210 1.54 -31.62 -1.98
N TYR B 211 2.50 -30.72 -1.77
CA TYR B 211 2.18 -29.30 -1.78
C TYR B 211 1.65 -28.87 -3.15
N GLN B 212 2.32 -29.27 -4.22
CA GLN B 212 1.93 -28.80 -5.55
C GLN B 212 0.50 -29.19 -5.87
N ILE B 213 0.11 -30.44 -5.56
CA ILE B 213 -1.25 -30.90 -5.83
C ILE B 213 -2.25 -30.09 -5.02
N MET B 214 -1.97 -29.91 -3.73
CA MET B 214 -2.86 -29.15 -2.86
C MET B 214 -3.05 -27.73 -3.36
N ASP B 215 -1.93 -27.03 -3.61
CA ASP B 215 -1.96 -25.61 -3.95
C ASP B 215 -2.63 -25.38 -5.30
N SER B 216 -2.27 -26.19 -6.31
CA SER B 216 -2.85 -26.03 -7.64
C SER B 216 -4.33 -26.34 -7.63
N MET B 217 -4.72 -27.48 -7.06
CA MET B 217 -6.14 -27.85 -7.08
C MET B 217 -6.99 -26.80 -6.37
N PHE B 218 -6.52 -26.27 -5.25
CA PHE B 218 -7.32 -25.26 -4.58
C PHE B 218 -7.42 -24.00 -5.42
N ARG B 219 -6.30 -23.59 -6.03
CA ARG B 219 -6.30 -22.38 -6.86
C ARG B 219 -7.21 -22.52 -8.08
N GLU B 220 -7.31 -23.72 -8.63
CA GLU B 220 -8.12 -23.96 -9.83
C GLU B 220 -9.57 -24.29 -9.49
N GLY B 221 -9.99 -24.12 -8.25
CA GLY B 221 -11.37 -24.39 -7.89
C GLY B 221 -11.69 -25.87 -7.78
N GLN B 222 -10.67 -26.71 -7.58
CA GLN B 222 -10.81 -28.16 -7.63
C GLN B 222 -10.70 -28.82 -6.26
N ALA B 223 -10.69 -28.04 -5.18
CA ALA B 223 -10.53 -28.59 -3.84
C ALA B 223 -11.39 -27.82 -2.85
N ALA B 224 -12.14 -28.55 -2.03
CA ALA B 224 -13.08 -27.92 -1.11
C ALA B 224 -12.38 -27.39 0.13
N MET B 225 -11.45 -28.17 0.68
CA MET B 225 -10.78 -27.82 1.90
C MET B 225 -9.32 -28.24 1.82
N ILE B 226 -8.43 -27.39 2.32
CA ILE B 226 -7.02 -27.73 2.42
C ILE B 226 -6.47 -27.22 3.75
N ILE B 227 -5.30 -27.73 4.12
CA ILE B 227 -4.53 -27.15 5.21
C ILE B 227 -3.26 -26.55 4.63
N ASN B 228 -3.17 -25.22 4.66
CA ASN B 228 -2.07 -24.48 4.06
C ASN B 228 -1.94 -23.15 4.78
N GLY B 229 -0.87 -22.40 4.45
CA GLY B 229 -0.58 -21.16 5.15
C GLY B 229 -0.90 -19.90 4.35
N PRO B 230 -0.68 -18.74 4.96
CA PRO B 230 -1.11 -17.48 4.35
C PRO B 230 -0.32 -17.08 3.12
N TRP B 231 0.86 -17.65 2.91
CA TRP B 231 1.63 -17.42 1.69
C TRP B 231 0.88 -17.82 0.44
N ALA B 232 -0.17 -18.65 0.55
CA ALA B 232 -0.91 -19.16 -0.60
C ALA B 232 -2.15 -18.33 -0.94
N ILE B 233 -2.57 -17.45 -0.06
CA ILE B 233 -3.89 -16.80 -0.12
CA ILE B 233 -3.92 -16.88 -0.21
C ILE B 233 -4.00 -15.82 -1.31
N LYS B 234 -2.92 -15.09 -1.58
CA LYS B 234 -3.02 -14.04 -2.61
C LYS B 234 -3.33 -14.64 -3.97
N ALA B 235 -2.71 -15.78 -4.28
CA ALA B 235 -2.98 -16.43 -5.56
C ALA B 235 -4.40 -16.95 -5.64
N TYR B 236 -4.96 -17.47 -4.53
CA TYR B 236 -6.35 -17.93 -4.56
C TYR B 236 -7.29 -16.75 -4.75
N LYS B 237 -7.00 -15.64 -4.06
CA LYS B 237 -7.86 -14.47 -4.16
C LYS B 237 -7.80 -13.88 -5.57
N ASP B 238 -6.59 -13.77 -6.12
CA ASP B 238 -6.46 -13.24 -7.47
C ASP B 238 -7.11 -14.16 -8.50
N ALA B 239 -7.18 -15.46 -8.23
CA ALA B 239 -7.85 -16.39 -9.14
C ALA B 239 -9.36 -16.38 -8.99
N GLY B 240 -9.90 -15.61 -8.05
CA GLY B 240 -11.33 -15.51 -7.87
C GLY B 240 -11.96 -16.55 -6.99
N ILE B 241 -11.18 -17.26 -6.18
CA ILE B 241 -11.75 -18.26 -5.28
C ILE B 241 -12.39 -17.53 -4.10
N ASP B 242 -13.64 -17.89 -3.79
CA ASP B 242 -14.33 -17.36 -2.60
C ASP B 242 -14.00 -18.28 -1.43
N TYR B 243 -12.85 -18.01 -0.80
CA TYR B 243 -12.35 -18.87 0.27
C TYR B 243 -12.56 -18.22 1.63
N GLY B 244 -12.54 -19.05 2.65
CA GLY B 244 -12.47 -18.61 4.03
C GLY B 244 -11.28 -19.24 4.71
N VAL B 245 -10.90 -18.70 5.86
CA VAL B 245 -9.78 -19.21 6.66
C VAL B 245 -10.29 -19.45 8.07
N ALA B 246 -10.02 -20.65 8.59
CA ALA B 246 -10.43 -21.02 9.94
C ALA B 246 -9.33 -21.86 10.56
N PRO B 247 -9.28 -21.95 11.88
CA PRO B 247 -8.34 -22.90 12.51
C PRO B 247 -8.61 -24.29 11.99
N ILE B 248 -7.56 -25.11 12.00
CA ILE B 248 -7.77 -26.52 11.68
C ILE B 248 -8.80 -27.06 12.64
N PRO B 249 -9.77 -27.85 12.19
CA PRO B 249 -10.80 -28.34 13.10
C PRO B 249 -10.18 -29.10 14.27
N ASP B 250 -10.83 -28.99 15.43
CA ASP B 250 -10.34 -29.69 16.63
C ASP B 250 -10.18 -31.17 16.31
N LEU B 251 -9.11 -31.76 16.83
CA LEU B 251 -8.84 -33.16 16.53
C LEU B 251 -9.91 -34.06 17.13
N GLU B 252 -10.36 -33.71 18.33
CA GLU B 252 -11.52 -34.30 18.99
C GLU B 252 -11.99 -33.30 20.04
N PRO B 253 -13.18 -33.49 20.60
CA PRO B 253 -13.71 -32.47 21.53
C PRO B 253 -12.72 -32.11 22.62
N GLY B 254 -12.43 -30.82 22.76
CA GLY B 254 -11.50 -30.33 23.75
C GLY B 254 -10.03 -30.50 23.42
N VAL B 255 -9.70 -30.87 22.19
CA VAL B 255 -8.31 -31.05 21.77
C VAL B 255 -8.09 -30.26 20.48
N PRO B 256 -7.66 -29.01 20.56
CA PRO B 256 -7.44 -28.24 19.33
C PRO B 256 -6.16 -28.67 18.65
N ALA B 257 -6.14 -28.47 17.34
CA ALA B 257 -4.89 -28.61 16.61
C ALA B 257 -3.94 -27.50 17.06
N ARG B 258 -2.64 -27.77 16.94
CA ARG B 258 -1.61 -26.80 17.34
C ARG B 258 -0.53 -26.74 16.28
N PRO B 259 -0.69 -25.86 15.28
CA PRO B 259 0.30 -25.77 14.19
C PRO B 259 1.61 -25.15 14.63
N PHE B 260 2.64 -25.39 13.83
CA PHE B 260 3.84 -24.57 13.96
C PHE B 260 3.47 -23.11 13.71
N VAL B 261 4.11 -22.23 14.46
CA VAL B 261 4.11 -20.79 14.15
C VAL B 261 5.45 -20.48 13.52
N GLY B 262 5.44 -19.86 12.36
CA GLY B 262 6.65 -19.49 11.65
C GLY B 262 6.71 -17.98 11.53
N VAL B 263 7.92 -17.47 11.49
CA VAL B 263 8.17 -16.05 11.30
C VAL B 263 9.08 -15.90 10.08
N GLN B 264 8.70 -15.04 9.15
CA GLN B 264 9.47 -14.80 7.94
C GLN B 264 10.19 -13.45 8.09
N GLY B 265 11.43 -13.41 7.62
CA GLY B 265 12.19 -12.20 7.88
C GLY B 265 13.40 -12.10 6.97
N PHE B 266 14.11 -10.99 7.14
CA PHE B 266 15.28 -10.67 6.34
C PHE B 266 16.53 -10.88 7.19
N MET B 267 17.50 -11.62 6.63
CA MET B 267 18.74 -11.90 7.32
C MET B 267 19.90 -11.36 6.50
N VAL B 268 20.95 -10.92 7.17
CA VAL B 268 22.08 -10.29 6.51
C VAL B 268 23.26 -11.27 6.48
N ASN B 269 23.88 -11.39 5.31
CA ASN B 269 25.03 -12.27 5.12
C ASN B 269 26.23 -11.73 5.89
N ALA B 270 26.73 -12.51 6.84
CA ALA B 270 27.88 -12.09 7.64
C ALA B 270 29.17 -12.03 6.84
N LYS B 271 29.20 -12.66 5.67
CA LYS B 271 30.38 -12.70 4.83
C LYS B 271 30.38 -11.59 3.79
N SER B 272 29.31 -10.80 3.74
CA SER B 272 29.13 -9.77 2.73
C SER B 272 29.89 -8.51 3.12
N PRO B 273 30.69 -7.95 2.21
CA PRO B 273 31.33 -6.66 2.48
C PRO B 273 30.34 -5.51 2.51
N ASN B 274 29.08 -5.74 2.11
CA ASN B 274 28.03 -4.73 2.15
C ASN B 274 27.15 -4.86 3.38
N LYS B 275 27.59 -5.59 4.40
CA LYS B 275 26.66 -5.91 5.49
C LYS B 275 26.19 -4.68 6.26
N LEU B 276 27.04 -3.66 6.43
CA LEU B 276 26.59 -2.44 7.10
C LEU B 276 25.48 -1.75 6.32
N LEU B 277 25.65 -1.68 5.00
CA LEU B 277 24.65 -1.05 4.17
C LEU B 277 23.37 -1.89 4.13
N ALA B 278 23.54 -3.21 4.15
CA ALA B 278 22.39 -4.10 4.19
C ALA B 278 21.57 -3.89 5.46
N ILE B 279 22.25 -3.79 6.61
CA ILE B 279 21.55 -3.50 7.86
C ILE B 279 20.82 -2.17 7.78
N GLU B 280 21.46 -1.15 7.23
CA GLU B 280 20.80 0.15 7.09
C GLU B 280 19.55 0.03 6.19
N PHE B 281 19.70 -0.65 5.06
CA PHE B 281 18.56 -0.88 4.17
C PHE B 281 17.40 -1.50 4.92
N LEU B 282 17.70 -2.51 5.75
CA LEU B 282 16.64 -3.21 6.47
C LEU B 282 16.03 -2.38 7.58
N THR B 283 16.87 -1.72 8.39
CA THR B 283 16.33 -1.06 9.59
C THR B 283 15.70 0.29 9.26
N SER B 284 16.28 1.06 8.33
CA SER B 284 15.83 2.41 8.03
C SER B 284 14.75 2.45 6.95
N PHE B 285 14.56 1.37 6.20
CA PHE B 285 13.67 1.41 5.05
C PHE B 285 12.68 0.25 5.13
N ILE B 286 13.18 -0.99 5.11
CA ILE B 286 12.28 -2.13 5.11
C ILE B 286 11.45 -2.19 6.39
N ALA B 287 12.07 -1.83 7.52
CA ALA B 287 11.41 -1.99 8.80
C ALA B 287 10.29 -0.97 9.08
N LYS B 288 10.26 0.15 8.36
N LYS B 288 10.26 0.15 8.36
CA LYS B 288 9.29 1.18 8.67
CA LYS B 288 9.28 1.19 8.62
C LYS B 288 7.86 0.73 8.34
C LYS B 288 7.86 0.70 8.35
N LYS B 289 6.90 1.33 9.03
CA LYS B 289 5.50 0.94 8.95
C LYS B 289 4.98 0.87 7.52
N GLU B 290 5.13 1.96 6.77
CA GLU B 290 4.61 2.00 5.40
C GLU B 290 5.18 0.88 4.55
N THR B 291 6.49 0.63 4.66
CA THR B 291 7.11 -0.41 3.83
C THR B 291 6.65 -1.79 4.26
N MET B 292 6.53 -2.00 5.57
CA MET B 292 6.05 -3.29 6.06
C MET B 292 4.62 -3.56 5.60
N TYR B 293 3.79 -2.51 5.52
CA TYR B 293 2.45 -2.71 4.99
C TYR B 293 2.47 -3.02 3.51
N ARG B 294 3.32 -2.32 2.75
CA ARG B 294 3.42 -2.62 1.33
C ARG B 294 3.93 -4.05 1.09
N ILE B 295 4.85 -4.53 1.92
CA ILE B 295 5.28 -5.92 1.86
C ILE B 295 4.11 -6.87 2.15
N TYR B 296 3.32 -6.57 3.18
CA TYR B 296 2.12 -7.34 3.44
C TYR B 296 1.20 -7.38 2.22
N LEU B 297 0.95 -6.23 1.59
CA LEU B 297 0.07 -6.24 0.44
C LEU B 297 0.61 -7.13 -0.67
N GLY B 298 1.94 -7.18 -0.84
CA GLY B 298 2.48 -8.06 -1.86
C GLY B 298 2.52 -9.51 -1.45
N ASP B 299 2.52 -9.78 -0.16
CA ASP B 299 2.68 -11.13 0.37
C ASP B 299 1.98 -11.18 1.72
N PRO B 300 0.65 -11.32 1.73
CA PRO B 300 -0.14 -11.08 2.94
C PRO B 300 -0.10 -12.24 3.90
N ARG B 301 0.61 -12.05 5.01
CA ARG B 301 0.60 -13.06 6.06
C ARG B 301 0.11 -12.37 7.33
N LEU B 302 0.79 -12.55 8.45
CA LEU B 302 0.39 -11.85 9.68
C LEU B 302 1.47 -10.83 10.02
N PRO B 303 1.22 -9.54 9.86
CA PRO B 303 2.29 -8.55 10.01
C PRO B 303 3.02 -8.67 11.33
N SER B 304 4.33 -8.50 11.26
CA SER B 304 5.19 -8.57 12.43
C SER B 304 5.19 -7.28 13.24
N ARG B 305 4.81 -6.17 12.63
CA ARG B 305 4.75 -4.93 13.40
C ARG B 305 3.32 -4.59 13.84
N LYS B 306 3.20 -4.19 15.11
CA LYS B 306 1.89 -4.05 15.75
C LYS B 306 0.99 -3.04 15.03
N ASP B 307 1.56 -1.92 14.59
CA ASP B 307 0.73 -0.92 13.93
C ASP B 307 0.27 -1.35 12.55
N VAL B 308 0.99 -2.25 11.89
CA VAL B 308 0.53 -2.77 10.60
C VAL B 308 -0.54 -3.82 10.81
N LEU B 309 -0.37 -4.68 11.83
CA LEU B 309 -1.44 -5.61 12.16
C LEU B 309 -2.74 -4.87 12.50
N GLU B 310 -2.66 -3.79 13.29
CA GLU B 310 -3.86 -3.02 13.62
C GLU B 310 -4.54 -2.48 12.37
N LEU B 311 -3.75 -2.11 11.35
CA LEU B 311 -4.33 -1.58 10.13
C LEU B 311 -5.11 -2.65 9.39
N VAL B 312 -4.70 -3.92 9.49
CA VAL B 312 -5.26 -4.99 8.69
C VAL B 312 -6.07 -5.97 9.51
N LYS B 313 -6.23 -5.75 10.80
CA LYS B 313 -6.74 -6.78 11.71
C LYS B 313 -8.18 -7.19 11.42
N ASP B 314 -8.94 -6.36 10.72
CA ASP B 314 -10.33 -6.68 10.45
C ASP B 314 -10.50 -7.52 9.19
N ASN B 315 -9.44 -7.77 8.43
CA ASN B 315 -9.54 -8.68 7.30
C ASN B 315 -9.86 -10.07 7.84
N PRO B 316 -10.92 -10.72 7.36
CA PRO B 316 -11.25 -12.07 7.86
C PRO B 316 -10.13 -13.08 7.67
N ASP B 317 -9.27 -12.91 6.66
CA ASP B 317 -8.15 -13.84 6.51
C ASP B 317 -7.16 -13.66 7.64
N VAL B 318 -6.87 -12.41 8.01
CA VAL B 318 -6.01 -12.13 9.14
C VAL B 318 -6.61 -12.70 10.43
N VAL B 319 -7.92 -12.52 10.63
CA VAL B 319 -8.54 -13.06 11.83
C VAL B 319 -8.42 -14.58 11.87
N GLY B 320 -8.67 -15.23 10.74
CA GLY B 320 -8.61 -16.69 10.68
C GLY B 320 -7.21 -17.22 10.92
N PHE B 321 -6.21 -16.63 10.26
CA PHE B 321 -4.85 -17.09 10.49
C PHE B 321 -4.37 -16.76 11.90
N THR B 322 -4.81 -15.63 12.45
CA THR B 322 -4.47 -15.30 13.82
C THR B 322 -5.07 -16.32 14.79
N LEU B 323 -6.33 -16.71 14.56
CA LEU B 323 -6.95 -17.72 15.41
CA LEU B 323 -6.96 -17.73 15.41
C LEU B 323 -6.20 -19.05 15.34
N SER B 324 -5.76 -19.45 14.14
CA SER B 324 -5.02 -20.70 13.99
C SER B 324 -3.68 -20.64 14.72
N ALA B 325 -2.94 -19.54 14.55
CA ALA B 325 -1.65 -19.37 15.21
C ALA B 325 -1.75 -19.21 16.72
N ALA B 326 -2.92 -18.79 17.22
CA ALA B 326 -3.08 -18.55 18.65
C ALA B 326 -2.85 -19.80 19.47
N ASN B 327 -3.17 -20.97 18.90
CA ASN B 327 -2.95 -22.26 19.52
C ASN B 327 -1.60 -22.87 19.18
N GLY B 328 -0.70 -22.11 18.54
CA GLY B 328 0.43 -22.71 17.87
C GLY B 328 1.71 -22.79 18.68
N ILE B 329 2.69 -23.45 18.07
CA ILE B 329 3.99 -23.73 18.69
C ILE B 329 5.05 -23.11 17.77
N PRO B 330 5.81 -22.12 18.24
CA PRO B 330 6.86 -21.55 17.36
C PRO B 330 7.87 -22.63 17.00
N MET B 331 8.26 -22.66 15.72
CA MET B 331 9.31 -23.59 15.34
C MET B 331 10.54 -23.30 16.19
N PRO B 332 11.24 -24.33 16.67
CA PRO B 332 12.55 -24.09 17.27
C PRO B 332 13.47 -23.45 16.24
N ASN B 333 14.38 -22.61 16.71
CA ASN B 333 15.39 -22.04 15.83
C ASN B 333 16.81 -22.51 16.16
N VAL B 334 16.95 -23.45 17.08
CA VAL B 334 18.25 -23.97 17.49
C VAL B 334 18.87 -24.71 16.30
N PRO B 335 20.20 -24.83 16.24
CA PRO B 335 20.80 -25.51 15.08
C PRO B 335 20.31 -26.92 14.93
N GLN B 336 19.96 -27.58 16.03
CA GLN B 336 19.52 -28.97 15.95
C GLN B 336 18.21 -29.15 15.21
N MET B 337 17.46 -28.08 14.93
CA MET B 337 16.21 -28.23 14.19
C MET B 337 16.46 -28.74 12.77
N ALA B 338 17.64 -28.46 12.22
CA ALA B 338 17.97 -28.94 10.88
C ALA B 338 17.91 -30.46 10.80
N ALA B 339 18.19 -31.13 11.92
CA ALA B 339 18.22 -32.59 11.95
C ALA B 339 16.83 -33.24 12.00
N VAL B 340 15.77 -32.45 12.12
CA VAL B 340 14.45 -33.00 12.42
C VAL B 340 13.67 -33.30 11.14
N TRP B 341 13.68 -32.37 10.19
CA TRP B 341 12.68 -32.37 9.13
C TRP B 341 12.73 -33.63 8.28
N ALA B 342 13.93 -33.99 7.80
CA ALA B 342 14.01 -35.11 6.87
C ALA B 342 13.63 -36.43 7.53
N ALA B 343 14.10 -36.66 8.75
CA ALA B 343 13.72 -37.89 9.46
C ALA B 343 12.22 -37.98 9.65
N MET B 344 11.58 -36.86 9.99
CA MET B 344 10.14 -36.89 10.21
C MET B 344 9.37 -37.04 8.91
N ASN B 345 9.82 -36.38 7.83
CA ASN B 345 9.23 -36.60 6.51
C ASN B 345 9.34 -38.08 6.11
N ASP B 346 10.51 -38.69 6.38
CA ASP B 346 10.70 -40.11 6.05
C ASP B 346 9.66 -40.98 6.73
N ALA B 347 9.42 -40.72 8.02
CA ALA B 347 8.50 -41.55 8.79
C ALA B 347 7.08 -41.40 8.27
N LEU B 348 6.66 -40.17 7.96
CA LEU B 348 5.30 -40.01 7.50
C LEU B 348 5.10 -40.63 6.12
N ASN B 349 6.14 -40.61 5.29
CA ASN B 349 6.06 -41.28 4.00
C ASN B 349 5.78 -42.77 4.19
N LEU B 350 6.51 -43.41 5.11
CA LEU B 350 6.27 -44.83 5.36
C LEU B 350 4.86 -45.08 5.87
N VAL B 351 4.35 -44.17 6.72
CA VAL B 351 3.02 -44.32 7.27
C VAL B 351 1.96 -44.21 6.18
N VAL B 352 2.03 -43.16 5.36
CA VAL B 352 0.98 -42.96 4.36
C VAL B 352 1.01 -44.03 3.27
N ASN B 353 2.14 -44.70 3.06
CA ASN B 353 2.24 -45.76 2.07
C ASN B 353 2.11 -47.15 2.66
N GLY B 354 1.70 -47.25 3.92
CA GLY B 354 1.48 -48.57 4.52
C GLY B 354 2.73 -49.43 4.60
N LYS B 355 3.86 -48.81 4.89
CA LYS B 355 5.13 -49.53 4.94
C LYS B 355 5.61 -49.80 6.37
N ALA B 356 5.00 -49.16 7.36
CA ALA B 356 5.40 -49.34 8.76
C ALA B 356 4.28 -48.81 9.64
N THR B 357 4.18 -49.35 10.85
CA THR B 357 3.20 -48.81 11.79
C THR B 357 3.66 -47.44 12.27
N VAL B 358 2.71 -46.70 12.85
CA VAL B 358 3.03 -45.36 13.36
C VAL B 358 4.10 -45.44 14.43
N GLU B 359 3.97 -46.41 15.34
CA GLU B 359 4.92 -46.51 16.44
C GLU B 359 6.33 -46.77 15.94
N GLU B 360 6.49 -47.76 15.04
CA GLU B 360 7.83 -48.04 14.50
C GLU B 360 8.39 -46.82 13.80
N ALA B 361 7.57 -46.21 12.94
CA ALA B 361 8.07 -45.14 12.08
C ALA B 361 8.59 -43.97 12.90
N LEU B 362 7.84 -43.56 13.91
CA LEU B 362 8.24 -42.40 14.71
C LEU B 362 9.44 -42.73 15.60
N LYS B 363 9.47 -43.94 16.16
CA LYS B 363 10.59 -44.37 16.98
C LYS B 363 11.89 -44.34 16.19
N ASN B 364 11.88 -44.91 14.98
CA ASN B 364 13.09 -44.91 14.16
C ASN B 364 13.47 -43.49 13.77
N ALA B 365 12.48 -42.65 13.48
CA ALA B 365 12.76 -41.25 13.14
C ALA B 365 13.45 -40.55 14.30
N VAL B 366 12.97 -40.76 15.53
CA VAL B 366 13.58 -40.09 16.67
C VAL B 366 15.00 -40.59 16.92
N GLU B 367 15.22 -41.90 16.76
CA GLU B 367 16.59 -42.40 16.91
C GLU B 367 17.51 -41.85 15.83
N ARG B 368 17.00 -41.61 14.63
CA ARG B 368 17.80 -40.96 13.60
C ARG B 368 18.14 -39.53 13.99
N ILE B 369 17.16 -38.79 14.50
CA ILE B 369 17.40 -37.40 14.89
C ILE B 369 18.41 -37.32 16.02
N LYS B 370 18.24 -38.16 17.04
CA LYS B 370 19.14 -38.15 18.19
C LYS B 370 20.55 -38.52 17.77
N ALA B 371 20.70 -39.51 16.89
CA ALA B 371 22.01 -39.92 16.42
C ALA B 371 22.71 -38.76 15.70
N GLN B 372 21.98 -38.06 14.83
CA GLN B 372 22.55 -36.92 14.13
C GLN B 372 22.92 -35.79 15.10
N ILE B 373 22.03 -35.50 16.05
CA ILE B 373 22.31 -34.47 17.05
C ILE B 373 23.57 -34.83 17.85
N GLN B 374 23.69 -36.08 18.26
CA GLN B 374 24.91 -36.50 18.94
C GLN B 374 26.05 -36.79 17.97
#